data_8EF3
#
_entry.id   8EF3
#
_cell.length_a   70.243
_cell.length_b   71.015
_cell.length_c   103.741
_cell.angle_alpha   90.000
_cell.angle_beta   102.380
_cell.angle_gamma   90.000
#
_symmetry.space_group_name_H-M   'P 1 21 1'
#
loop_
_entity.id
_entity.type
_entity.pdbx_description
1 polymer 'rhMZ119-D antibody heavy chain'
2 polymer 'rhMZ119-D antibody light chain'
3 water water
#
loop_
_entity_poly.entity_id
_entity_poly.type
_entity_poly.pdbx_seq_one_letter_code
_entity_poly.pdbx_strand_id
1 'polypeptide(L)'
;EVQLVQSGAEVKRPGESLKISCKTSGYSFTSYWISWVRQMPGKGLEWMGAIDPSDSDTRYSPSFQGQVTISADKSISTAY
LQWSSLKASDSATYYCAKEGIAARSLDVWGRGVLVTVSSASTKGPSVFPLAPSSRSTSESTAALGCLVKDYFPEPVTVSW
NSGSLTSGVHTFPAVLQSSGLYSLSSVVTVPSSSLGTQTYVCNVNHKPSNTKVDKRVEIK
;
A,C
2 'polypeptide(L)'
;SYELTQPPSVSVSPGQTARITCSGDALPKKYAYWFQQKPGQSPVLIIYEDSKRPSGIPERFSGSSSGTVATLTISGAQVE
DEADYYCYSTDSSGYHGLFGGGTRLTVLGQPKAAPSVTLFPPSSEELQANKATLVCLISDFYPGAVEVAWKADGSAVNAG
VETTKPSKQSNNKYAASSYLSLTSDQWKSHKSYSCQVTHEGSTVEKTVAPAE
;
B,D
#
# COMPACT_ATOMS: atom_id res chain seq x y z
N GLU A 1 6.18 20.30 5.52
CA GLU A 1 6.76 19.02 5.10
C GLU A 1 7.91 19.22 4.12
N VAL A 2 8.88 18.32 4.18
CA VAL A 2 9.98 18.36 3.21
C VAL A 2 9.44 17.95 1.86
N GLN A 3 9.73 18.75 0.83
CA GLN A 3 9.33 18.45 -0.53
C GLN A 3 10.53 18.58 -1.47
N LEU A 4 10.65 17.62 -2.38
CA LEU A 4 11.65 17.66 -3.43
C LEU A 4 10.89 17.56 -4.75
N VAL A 5 11.07 18.55 -5.62
CA VAL A 5 10.36 18.61 -6.89
C VAL A 5 11.41 18.54 -8.00
N GLN A 6 11.31 17.50 -8.84
CA GLN A 6 12.28 17.26 -9.89
C GLN A 6 11.75 17.73 -11.24
N SER A 7 12.70 18.09 -12.12
CA SER A 7 12.38 18.48 -13.48
C SER A 7 11.76 17.31 -14.25
N GLY A 8 11.23 17.63 -15.44
CA GLY A 8 10.40 16.69 -16.18
C GLY A 8 11.19 15.73 -17.08
N ALA A 9 10.47 14.76 -17.64
CA ALA A 9 11.08 13.69 -18.41
C ALA A 9 11.85 14.24 -19.61
N GLU A 10 12.93 13.55 -19.95
CA GLU A 10 13.85 13.97 -21.00
C GLU A 10 14.08 12.83 -21.97
N VAL A 11 14.16 13.15 -23.26
CA VAL A 11 14.58 12.21 -24.29
C VAL A 11 15.75 12.85 -25.01
N LYS A 12 16.94 12.27 -24.86
CA LYS A 12 18.16 12.81 -25.41
C LYS A 12 18.84 11.77 -26.28
N ARG A 13 19.84 12.22 -27.03
CA ARG A 13 20.65 11.38 -27.89
C ARG A 13 22.06 11.24 -27.32
N PRO A 14 22.74 10.12 -27.57
CA PRO A 14 24.12 9.98 -27.10
C PRO A 14 24.98 11.15 -27.57
N GLY A 15 25.81 11.64 -26.66
CA GLY A 15 26.66 12.78 -26.95
C GLY A 15 26.05 14.13 -26.63
N GLU A 16 24.75 14.20 -26.38
CA GLU A 16 24.12 15.47 -26.02
C GLU A 16 24.33 15.77 -24.54
N SER A 17 24.25 17.06 -24.21
CA SER A 17 24.36 17.49 -22.82
C SER A 17 22.99 17.46 -22.15
N LEU A 18 23.00 17.41 -20.83
CA LEU A 18 21.76 17.35 -20.06
C LEU A 18 22.03 17.87 -18.65
N LYS A 19 21.12 18.68 -18.14
CA LYS A 19 21.14 19.14 -16.76
C LYS A 19 19.74 18.98 -16.19
N ILE A 20 19.62 18.20 -15.12
CA ILE A 20 18.34 17.97 -14.46
C ILE A 20 18.41 18.59 -13.07
N SER A 21 17.24 18.89 -12.51
CA SER A 21 17.19 19.71 -11.32
C SER A 21 16.32 19.09 -10.24
N CYS A 22 16.51 19.59 -9.02
CA CYS A 22 15.81 19.10 -7.85
C CYS A 22 15.63 20.31 -6.92
N LYS A 23 14.42 20.87 -6.89
CA LYS A 23 14.13 22.04 -6.07
C LYS A 23 13.46 21.59 -4.77
N THR A 24 14.03 22.02 -3.65
CA THR A 24 13.59 21.56 -2.34
C THR A 24 12.89 22.67 -1.58
N SER A 25 12.10 22.26 -0.59
CA SER A 25 11.42 23.19 0.31
C SER A 25 11.13 22.46 1.61
N GLY A 26 10.76 23.23 2.63
CA GLY A 26 10.36 22.66 3.90
C GLY A 26 11.50 22.40 4.87
N TYR A 27 12.73 22.73 4.51
CA TYR A 27 13.87 22.57 5.41
C TYR A 27 14.98 23.49 4.95
N SER A 28 16.04 23.58 5.77
CA SER A 28 17.19 24.41 5.45
C SER A 28 18.02 23.73 4.37
N PHE A 29 17.96 24.27 3.15
CA PHE A 29 18.62 23.65 2.00
C PHE A 29 20.11 23.47 2.19
N THR A 30 20.78 24.45 2.79
CA THR A 30 22.24 24.37 2.91
C THR A 30 22.69 23.59 4.14
N SER A 31 21.77 23.03 4.93
CA SER A 31 22.11 22.32 6.14
C SER A 31 22.21 20.80 5.95
N TYR A 32 21.89 20.29 4.77
CA TYR A 32 21.92 18.85 4.53
C TYR A 32 22.52 18.56 3.16
N TRP A 33 23.26 17.46 3.08
CA TRP A 33 23.71 16.96 1.78
C TRP A 33 22.51 16.55 0.92
N ILE A 34 22.73 16.56 -0.39
CA ILE A 34 21.77 16.04 -1.35
C ILE A 34 22.46 14.93 -2.13
N SER A 35 21.85 13.74 -2.14
CA SER A 35 22.36 12.62 -2.91
C SER A 35 21.59 12.47 -4.22
N TRP A 36 22.27 11.91 -5.21
CA TRP A 36 21.65 11.51 -6.47
C TRP A 36 21.77 10.00 -6.62
N VAL A 37 20.65 9.36 -6.97
CA VAL A 37 20.55 7.91 -7.14
C VAL A 37 19.89 7.67 -8.49
N ARG A 38 20.35 6.65 -9.21
CA ARG A 38 19.74 6.32 -10.49
C ARG A 38 19.36 4.85 -10.56
N GLN A 39 18.48 4.54 -11.51
CA GLN A 39 18.03 3.17 -11.72
C GLN A 39 17.81 3.00 -13.23
N MET A 40 18.69 2.25 -13.87
CA MET A 40 18.49 1.91 -15.27
C MET A 40 17.28 0.97 -15.41
N PRO A 41 16.61 0.98 -16.55
CA PRO A 41 15.40 0.15 -16.71
C PRO A 41 15.68 -1.32 -16.43
N GLY A 42 14.88 -1.90 -15.53
CA GLY A 42 15.04 -3.29 -15.15
C GLY A 42 16.27 -3.60 -14.32
N LYS A 43 16.98 -2.60 -13.83
CA LYS A 43 18.20 -2.80 -13.06
C LYS A 43 18.00 -2.25 -11.64
N GLY A 44 19.08 -2.28 -10.85
CA GLY A 44 19.02 -1.91 -9.46
C GLY A 44 19.32 -0.44 -9.21
N LEU A 45 19.12 -0.04 -7.95
CA LEU A 45 19.46 1.32 -7.54
C LEU A 45 20.97 1.49 -7.49
N GLU A 46 21.44 2.68 -7.87
CA GLU A 46 22.86 3.02 -7.85
C GLU A 46 23.06 4.38 -7.20
N TRP A 47 23.89 4.44 -6.16
CA TRP A 47 24.27 5.72 -5.60
C TRP A 47 25.32 6.35 -6.52
N MET A 48 25.04 7.57 -6.98
CA MET A 48 25.94 8.26 -7.90
C MET A 48 26.89 9.22 -7.19
N GLY A 49 26.37 10.01 -6.26
CA GLY A 49 27.18 11.02 -5.61
C GLY A 49 26.31 11.91 -4.75
N ALA A 50 26.96 12.90 -4.13
CA ALA A 50 26.26 13.81 -3.25
C ALA A 50 27.00 15.14 -3.20
N ILE A 51 26.27 16.19 -2.83
CA ILE A 51 26.84 17.51 -2.69
C ILE A 51 26.43 18.10 -1.35
N ASP A 52 27.34 18.83 -0.72
CA ASP A 52 27.08 19.59 0.49
C ASP A 52 26.86 21.05 0.09
N PRO A 53 25.63 21.55 0.08
CA PRO A 53 25.39 22.93 -0.38
C PRO A 53 26.00 23.99 0.54
N SER A 54 26.46 23.61 1.73
CA SER A 54 27.07 24.59 2.63
C SER A 54 28.47 25.01 2.19
N ASP A 55 29.15 24.18 1.39
CA ASP A 55 30.51 24.48 0.99
C ASP A 55 30.88 23.94 -0.38
N SER A 56 29.92 23.41 -1.14
CA SER A 56 30.11 22.88 -2.49
C SER A 56 30.94 21.61 -2.53
N ASP A 57 31.19 21.00 -1.36
CA ASP A 57 31.86 19.71 -1.31
C ASP A 57 31.05 18.64 -2.06
N THR A 58 31.73 17.85 -2.88
CA THR A 58 31.08 16.76 -3.60
C THR A 58 31.79 15.45 -3.34
N ARG A 59 31.02 14.37 -3.34
CA ARG A 59 31.53 13.01 -3.30
C ARG A 59 30.86 12.22 -4.42
N TYR A 60 31.63 11.35 -5.06
CA TYR A 60 31.13 10.56 -6.18
C TYR A 60 31.48 9.10 -5.99
N SER A 61 30.55 8.23 -6.37
CA SER A 61 30.88 6.82 -6.52
C SER A 61 32.01 6.66 -7.53
N PRO A 62 32.93 5.72 -7.31
CA PRO A 62 33.98 5.49 -8.31
C PRO A 62 33.45 5.20 -9.71
N SER A 63 32.24 4.65 -9.81
CA SER A 63 31.67 4.36 -11.13
C SER A 63 31.22 5.61 -11.87
N PHE A 64 31.01 6.73 -11.17
CA PHE A 64 30.52 7.96 -11.79
C PHE A 64 31.48 9.14 -11.68
N GLN A 65 32.48 9.06 -10.82
CA GLN A 65 33.41 10.16 -10.61
C GLN A 65 34.03 10.62 -11.93
N GLY A 66 33.99 11.93 -12.16
CA GLY A 66 34.55 12.52 -13.36
C GLY A 66 33.68 12.46 -14.61
N GLN A 67 32.58 11.71 -14.58
CA GLN A 67 31.70 11.55 -15.74
C GLN A 67 30.41 12.34 -15.61
N VAL A 68 30.09 12.83 -14.41
CA VAL A 68 28.91 13.65 -14.17
C VAL A 68 29.31 14.73 -13.18
N THR A 69 28.54 15.81 -13.15
CA THR A 69 28.83 16.93 -12.26
C THR A 69 27.58 17.29 -11.47
N ILE A 70 27.69 17.24 -10.15
CA ILE A 70 26.63 17.66 -9.24
C ILE A 70 26.91 19.09 -8.81
N SER A 71 25.86 19.91 -8.76
CA SER A 71 26.02 21.31 -8.37
C SER A 71 24.77 21.74 -7.61
N ALA A 72 24.80 22.97 -7.08
CA ALA A 72 23.68 23.49 -6.33
C ALA A 72 23.65 25.01 -6.42
N ASP A 73 22.44 25.56 -6.32
CA ASP A 73 22.21 27.00 -6.30
C ASP A 73 21.35 27.29 -5.06
N LYS A 74 21.98 27.78 -4.00
CA LYS A 74 21.27 28.00 -2.74
C LYS A 74 20.22 29.10 -2.88
N SER A 75 20.40 30.04 -3.81
CA SER A 75 19.47 31.14 -3.98
C SER A 75 18.06 30.65 -4.30
N ILE A 76 17.94 29.50 -4.96
CA ILE A 76 16.64 28.93 -5.31
C ILE A 76 16.51 27.52 -4.76
N SER A 77 17.32 27.15 -3.76
CA SER A 77 17.24 25.87 -3.06
C SER A 77 17.17 24.69 -4.02
N THR A 78 18.00 24.71 -5.06
CA THR A 78 17.95 23.71 -6.12
C THR A 78 19.29 23.01 -6.26
N ALA A 79 19.25 21.69 -6.36
CA ALA A 79 20.41 20.87 -6.71
C ALA A 79 20.30 20.41 -8.15
N TYR A 80 21.45 20.11 -8.75
CA TYR A 80 21.51 19.75 -10.15
C TYR A 80 22.42 18.54 -10.36
N LEU A 81 22.14 17.81 -11.43
CA LEU A 81 22.99 16.75 -11.93
C LEU A 81 23.12 16.96 -13.42
N GLN A 82 24.35 16.95 -13.93
CA GLN A 82 24.55 17.31 -15.33
C GLN A 82 25.62 16.46 -15.98
N TRP A 83 25.45 16.28 -17.29
CA TRP A 83 26.38 15.59 -18.17
C TRP A 83 26.77 16.53 -19.31
N SER A 84 28.05 16.53 -19.68
CA SER A 84 28.43 17.24 -20.90
C SER A 84 28.19 16.38 -22.13
N SER A 85 28.23 15.05 -21.99
CA SER A 85 28.10 14.15 -23.14
C SER A 85 27.53 12.83 -22.64
N LEU A 86 26.23 12.64 -22.87
CA LEU A 86 25.53 11.46 -22.38
C LEU A 86 25.97 10.19 -23.13
N LYS A 87 25.91 9.07 -22.42
CA LYS A 87 26.03 7.74 -23.00
C LYS A 87 24.64 7.13 -23.15
N ALA A 88 24.52 6.18 -24.08
CA ALA A 88 23.25 5.48 -24.25
C ALA A 88 22.84 4.75 -22.97
N SER A 89 23.82 4.18 -22.26
CA SER A 89 23.55 3.48 -21.01
C SER A 89 23.14 4.42 -19.88
N ASP A 90 23.10 5.74 -20.11
CA ASP A 90 22.59 6.66 -19.10
C ASP A 90 21.07 6.75 -19.08
N SER A 91 20.36 5.98 -19.92
CA SER A 91 18.91 5.88 -19.76
C SER A 91 18.59 5.31 -18.38
N ALA A 92 17.83 6.07 -17.60
CA ALA A 92 17.56 5.69 -16.22
C ALA A 92 16.52 6.63 -15.63
N THR A 93 15.92 6.21 -14.52
CA THR A 93 15.22 7.11 -13.62
C THR A 93 16.22 7.67 -12.61
N TYR A 94 16.25 8.99 -12.48
CA TYR A 94 17.19 9.65 -11.58
C TYR A 94 16.43 10.26 -10.42
N TYR A 95 16.86 9.94 -9.20
CA TYR A 95 16.26 10.45 -7.98
C TYR A 95 17.25 11.38 -7.27
N CYS A 96 16.75 12.50 -6.76
CA CYS A 96 17.46 13.25 -5.74
C CYS A 96 16.91 12.85 -4.37
N ALA A 97 17.74 13.01 -3.35
CA ALA A 97 17.34 12.65 -2.00
C ALA A 97 18.02 13.55 -0.99
N LYS A 98 17.23 14.15 -0.10
CA LYS A 98 17.78 14.85 1.04
C LYS A 98 18.40 13.84 2.00
N GLU A 99 19.65 14.08 2.40
CA GLU A 99 20.29 13.17 3.33
C GLU A 99 19.84 13.44 4.76
N GLY A 100 20.02 12.42 5.62
CA GLY A 100 19.82 12.56 7.04
C GLY A 100 21.07 13.06 7.74
N ILE A 101 21.08 12.89 9.07
CA ILE A 101 22.20 13.38 9.87
C ILE A 101 23.47 12.57 9.58
N ALA A 102 23.35 11.25 9.52
CA ALA A 102 24.51 10.43 9.22
C ALA A 102 24.88 10.58 7.75
N ALA A 103 26.19 10.70 7.50
CA ALA A 103 26.67 10.81 6.13
C ALA A 103 26.14 9.67 5.29
N ARG A 104 25.56 10.01 4.13
CA ARG A 104 25.04 9.11 3.11
C ARG A 104 23.71 8.46 3.50
N SER A 105 23.20 8.71 4.70
CA SER A 105 21.85 8.26 5.00
C SER A 105 20.86 9.01 4.10
N LEU A 106 19.83 8.31 3.64
CA LEU A 106 18.86 8.88 2.71
C LEU A 106 17.56 9.12 3.46
N ASP A 107 17.11 10.37 3.50
CA ASP A 107 15.99 10.77 4.32
C ASP A 107 14.71 10.87 3.49
N VAL A 108 14.61 11.89 2.63
CA VAL A 108 13.43 12.12 1.80
C VAL A 108 13.82 12.04 0.33
N TRP A 109 13.07 11.26 -0.44
CA TRP A 109 13.34 11.04 -1.86
C TRP A 109 12.47 11.94 -2.73
N GLY A 110 13.04 12.40 -3.85
CA GLY A 110 12.22 12.92 -4.93
C GLY A 110 11.46 11.81 -5.62
N ARG A 111 10.51 12.20 -6.47
CA ARG A 111 9.73 11.22 -7.22
C ARG A 111 10.50 10.63 -8.40
N GLY A 112 11.63 11.22 -8.77
CA GLY A 112 12.38 10.69 -9.89
C GLY A 112 12.03 11.37 -11.20
N VAL A 113 12.99 11.36 -12.11
CA VAL A 113 12.77 11.84 -13.48
C VAL A 113 13.23 10.76 -14.44
N LEU A 114 12.41 10.48 -15.46
CA LEU A 114 12.76 9.51 -16.47
C LEU A 114 13.62 10.17 -17.54
N VAL A 115 14.82 9.63 -17.75
CA VAL A 115 15.73 10.12 -18.78
C VAL A 115 15.95 8.99 -19.78
N THR A 116 15.59 9.22 -21.03
CA THR A 116 15.80 8.27 -22.11
C THR A 116 16.94 8.80 -22.98
N VAL A 117 17.97 7.98 -23.17
CA VAL A 117 19.07 8.30 -24.08
C VAL A 117 19.06 7.26 -25.19
N SER A 118 18.80 7.71 -26.41
CA SER A 118 18.60 6.78 -27.52
C SER A 118 19.05 7.44 -28.81
N SER A 119 19.55 6.61 -29.73
CA SER A 119 19.87 7.04 -31.09
C SER A 119 18.69 6.92 -32.04
N ALA A 120 17.57 6.36 -31.57
CA ALA A 120 16.41 6.16 -32.43
C ALA A 120 15.70 7.48 -32.68
N SER A 121 15.24 7.68 -33.90
CA SER A 121 14.46 8.87 -34.19
C SER A 121 12.99 8.58 -33.98
N THR A 122 12.23 9.64 -33.70
CA THR A 122 10.79 9.49 -33.54
C THR A 122 10.19 8.94 -34.82
N LYS A 123 9.40 7.89 -34.68
CA LYS A 123 8.91 7.13 -35.83
C LYS A 123 7.61 6.47 -35.43
N GLY A 124 6.57 6.68 -36.23
CA GLY A 124 5.32 5.99 -36.04
C GLY A 124 5.46 4.53 -36.45
N PRO A 125 4.56 3.68 -35.94
CA PRO A 125 4.70 2.25 -36.20
C PRO A 125 4.16 1.85 -37.56
N SER A 126 4.70 0.75 -38.08
CA SER A 126 4.10 0.04 -39.19
C SER A 126 3.21 -1.05 -38.61
N VAL A 127 1.93 -1.05 -38.98
CA VAL A 127 0.95 -1.93 -38.38
C VAL A 127 0.59 -3.02 -39.37
N PHE A 128 0.80 -4.28 -38.97
CA PHE A 128 0.56 -5.43 -39.80
C PHE A 128 -0.52 -6.31 -39.19
N PRO A 129 -1.39 -6.90 -40.00
CA PRO A 129 -2.45 -7.76 -39.45
C PRO A 129 -1.91 -9.13 -39.05
N LEU A 130 -2.45 -9.67 -37.96
CA LEU A 130 -2.12 -11.01 -37.47
C LEU A 130 -3.35 -11.90 -37.60
N ALA A 131 -3.22 -12.96 -38.38
CA ALA A 131 -4.30 -13.93 -38.58
C ALA A 131 -3.70 -15.33 -38.58
N PRO A 132 -4.52 -16.34 -38.26
CA PRO A 132 -4.04 -17.72 -38.37
C PRO A 132 -3.98 -18.13 -39.84
N SER A 133 -3.32 -19.26 -40.08
CA SER A 133 -3.28 -19.81 -41.42
C SER A 133 -4.68 -20.28 -41.81
N SER A 134 -4.99 -20.16 -43.10
CA SER A 134 -6.31 -20.53 -43.62
C SER A 134 -6.60 -22.01 -43.41
N SER A 138 -9.57 -24.81 -34.94
CA SER A 138 -10.40 -24.82 -36.13
C SER A 138 -11.84 -24.43 -35.85
N GLU A 139 -12.23 -23.32 -36.47
CA GLU A 139 -13.60 -22.92 -36.77
C GLU A 139 -14.63 -23.13 -35.68
N SER A 140 -14.56 -22.29 -34.64
CA SER A 140 -15.72 -21.86 -33.87
C SER A 140 -15.42 -20.44 -33.42
N THR A 141 -14.15 -20.21 -33.10
CA THR A 141 -13.58 -18.90 -32.85
C THR A 141 -12.31 -18.75 -33.68
N ALA A 142 -11.75 -17.55 -33.66
CA ALA A 142 -10.50 -17.27 -34.34
C ALA A 142 -9.77 -16.17 -33.59
N ALA A 143 -8.44 -16.27 -33.58
CA ALA A 143 -7.57 -15.28 -32.96
C ALA A 143 -7.05 -14.33 -34.03
N LEU A 144 -7.36 -13.04 -33.88
CA LEU A 144 -6.90 -12.02 -34.79
C LEU A 144 -6.08 -10.99 -34.02
N GLY A 145 -5.20 -10.29 -34.71
CA GLY A 145 -4.39 -9.33 -34.00
C GLY A 145 -3.74 -8.32 -34.91
N CYS A 146 -2.92 -7.47 -34.29
CA CYS A 146 -2.13 -6.47 -35.00
C CYS A 146 -0.73 -6.45 -34.43
N LEU A 147 0.25 -6.46 -35.33
CA LEU A 147 1.66 -6.26 -34.98
C LEU A 147 1.96 -4.78 -35.15
N VAL A 148 2.43 -4.14 -34.08
CA VAL A 148 2.73 -2.71 -34.06
C VAL A 148 4.25 -2.60 -34.06
N LYS A 149 4.84 -2.39 -35.23
CA LYS A 149 6.26 -2.67 -35.46
C LYS A 149 7.07 -1.37 -35.58
N ASP A 150 8.19 -1.32 -34.86
CA ASP A 150 9.27 -0.37 -35.11
C ASP A 150 8.84 1.09 -34.91
N TYR A 151 8.49 1.43 -33.67
CA TYR A 151 8.12 2.80 -33.33
C TYR A 151 9.03 3.33 -32.24
N PHE A 152 9.05 4.66 -32.11
CA PHE A 152 9.79 5.32 -31.05
C PHE A 152 9.24 6.74 -30.88
N PRO A 153 9.14 7.26 -29.65
CA PRO A 153 9.32 6.58 -28.37
C PRO A 153 8.02 5.96 -27.86
N GLU A 154 8.04 5.43 -26.64
CA GLU A 154 6.80 5.08 -25.96
C GLU A 154 6.00 6.36 -25.69
N PRO A 155 4.67 6.24 -25.51
CA PRO A 155 3.84 5.04 -25.51
C PRO A 155 2.96 4.88 -26.73
N VAL A 156 2.34 3.70 -26.85
CA VAL A 156 1.34 3.40 -27.86
C VAL A 156 0.11 2.84 -27.13
N THR A 157 -1.07 3.24 -27.59
CA THR A 157 -2.31 2.64 -27.11
C THR A 157 -3.03 1.96 -28.26
N VAL A 158 -3.77 0.90 -27.93
CA VAL A 158 -4.46 0.09 -28.94
C VAL A 158 -5.89 -0.12 -28.48
N SER A 159 -6.83 0.05 -29.40
CA SER A 159 -8.21 -0.35 -29.20
C SER A 159 -8.64 -1.19 -30.40
N TRP A 160 -9.83 -1.78 -30.30
CA TRP A 160 -10.39 -2.58 -31.37
C TRP A 160 -11.78 -2.06 -31.69
N ASN A 161 -12.06 -1.87 -32.98
CA ASN A 161 -13.35 -1.37 -33.44
C ASN A 161 -13.73 -0.10 -32.68
N SER A 162 -12.76 0.81 -32.58
CA SER A 162 -12.93 2.13 -31.96
C SER A 162 -13.28 2.04 -30.48
N GLY A 163 -12.91 0.95 -29.82
CA GLY A 163 -13.22 0.75 -28.42
C GLY A 163 -14.51 0.01 -28.16
N SER A 164 -15.28 -0.31 -29.20
CA SER A 164 -16.51 -1.08 -29.05
C SER A 164 -16.26 -2.55 -28.79
N LEU A 165 -15.04 -3.03 -29.00
CA LEU A 165 -14.69 -4.43 -28.78
C LEU A 165 -13.61 -4.47 -27.71
N THR A 166 -13.96 -5.01 -26.54
CA THR A 166 -13.05 -5.05 -25.40
C THR A 166 -12.94 -6.45 -24.82
N SER A 167 -14.01 -7.24 -24.96
CA SER A 167 -14.00 -8.59 -24.41
C SER A 167 -12.98 -9.46 -25.14
N GLY A 168 -12.10 -10.10 -24.37
CA GLY A 168 -11.09 -10.96 -24.95
C GLY A 168 -9.95 -10.25 -25.63
N VAL A 169 -9.81 -8.95 -25.45
CA VAL A 169 -8.67 -8.21 -26.01
C VAL A 169 -7.49 -8.34 -25.05
N HIS A 170 -6.32 -8.71 -25.60
CA HIS A 170 -5.07 -8.70 -24.84
C HIS A 170 -4.03 -7.91 -25.62
N THR A 171 -3.64 -6.76 -25.09
CA THR A 171 -2.60 -5.94 -25.67
C THR A 171 -1.34 -6.09 -24.82
N PHE A 172 -0.25 -6.47 -25.46
CA PHE A 172 0.97 -6.83 -24.74
C PHE A 172 1.92 -5.65 -24.65
N PRO A 173 2.63 -5.52 -23.54
CA PRO A 173 3.67 -4.48 -23.43
C PRO A 173 4.75 -4.66 -24.49
N ALA A 174 5.33 -3.53 -24.90
CA ALA A 174 6.28 -3.54 -26.00
C ALA A 174 7.61 -4.19 -25.62
N VAL A 175 8.27 -4.74 -26.63
CA VAL A 175 9.67 -5.12 -26.54
C VAL A 175 10.52 -3.97 -27.03
N LEU A 176 11.65 -3.74 -26.38
CA LEU A 176 12.63 -2.78 -26.83
C LEU A 176 13.70 -3.54 -27.59
N GLN A 177 13.84 -3.25 -28.88
CA GLN A 177 14.81 -3.95 -29.71
C GLN A 177 16.20 -3.32 -29.56
N SER A 178 17.21 -4.07 -30.00
CA SER A 178 18.58 -3.56 -29.97
C SER A 178 18.73 -2.32 -30.85
N SER A 179 17.91 -2.21 -31.89
CA SER A 179 17.89 -1.00 -32.72
C SER A 179 17.49 0.24 -31.94
N GLY A 180 16.86 0.08 -30.77
CA GLY A 180 16.28 1.19 -30.05
C GLY A 180 14.82 1.43 -30.34
N LEU A 181 14.26 0.73 -31.32
CA LEU A 181 12.85 0.84 -31.65
C LEU A 181 12.03 -0.15 -30.84
N TYR A 182 10.76 0.17 -30.66
CA TYR A 182 9.82 -0.67 -29.94
C TYR A 182 8.89 -1.41 -30.90
N SER A 183 8.39 -2.55 -30.44
CA SER A 183 7.30 -3.25 -31.11
C SER A 183 6.39 -3.86 -30.06
N LEU A 184 5.08 -3.89 -30.35
CA LEU A 184 4.12 -4.57 -29.50
C LEU A 184 3.08 -5.25 -30.37
N SER A 185 2.25 -6.08 -29.75
CA SER A 185 1.14 -6.75 -30.43
C SER A 185 -0.12 -6.66 -29.58
N SER A 186 -1.26 -6.71 -30.25
CA SER A 186 -2.57 -6.83 -29.60
C SER A 186 -3.34 -7.93 -30.30
N VAL A 187 -4.03 -8.77 -29.53
CA VAL A 187 -4.76 -9.91 -30.07
C VAL A 187 -6.15 -9.94 -29.45
N VAL A 188 -7.12 -10.45 -30.21
CA VAL A 188 -8.48 -10.63 -29.74
C VAL A 188 -9.05 -11.92 -30.34
N THR A 189 -9.84 -12.63 -29.55
CA THR A 189 -10.54 -13.83 -30.01
C THR A 189 -11.96 -13.47 -30.39
N VAL A 190 -12.36 -13.84 -31.61
CA VAL A 190 -13.66 -13.46 -32.15
C VAL A 190 -14.39 -14.71 -32.61
N PRO A 191 -15.72 -14.67 -32.68
CA PRO A 191 -16.47 -15.81 -33.21
C PRO A 191 -16.27 -15.94 -34.72
N SER A 192 -16.11 -17.18 -35.18
CA SER A 192 -15.92 -17.41 -36.61
C SER A 192 -17.21 -17.18 -37.40
N SER A 193 -18.37 -17.25 -36.74
CA SER A 193 -19.61 -16.84 -37.38
C SER A 193 -19.55 -15.39 -37.82
N SER A 194 -18.94 -14.53 -36.99
CA SER A 194 -18.82 -13.12 -37.32
C SER A 194 -17.82 -12.87 -38.44
N LEU A 195 -16.88 -13.79 -38.67
CA LEU A 195 -15.86 -13.63 -39.70
C LEU A 195 -16.49 -13.66 -41.09
N GLY A 196 -16.87 -12.50 -41.59
CA GLY A 196 -17.55 -12.41 -42.87
C GLY A 196 -18.65 -11.37 -42.83
N THR A 197 -19.20 -11.15 -41.64
CA THR A 197 -20.18 -10.08 -41.41
C THR A 197 -19.66 -9.03 -40.44
N GLN A 198 -18.71 -9.38 -39.57
CA GLN A 198 -18.11 -8.45 -38.61
C GLN A 198 -16.74 -8.05 -39.11
N THR A 199 -16.52 -6.76 -39.28
CA THR A 199 -15.18 -6.27 -39.56
C THR A 199 -14.42 -6.05 -38.26
N TYR A 200 -13.12 -6.29 -38.31
CA TYR A 200 -12.27 -6.10 -37.14
C TYR A 200 -11.13 -5.16 -37.51
N VAL A 201 -11.01 -4.07 -36.76
CA VAL A 201 -10.03 -3.03 -37.01
C VAL A 201 -9.32 -2.74 -35.70
N CYS A 202 -8.00 -2.75 -35.71
CA CYS A 202 -7.23 -2.31 -34.55
C CYS A 202 -6.87 -0.84 -34.74
N ASN A 203 -7.11 -0.05 -33.72
CA ASN A 203 -6.80 1.37 -33.74
C ASN A 203 -5.54 1.57 -32.91
N VAL A 204 -4.47 2.02 -33.56
CA VAL A 204 -3.16 2.12 -32.93
C VAL A 204 -2.79 3.59 -32.89
N ASN A 205 -2.65 4.14 -31.69
CA ASN A 205 -2.38 5.56 -31.51
C ASN A 205 -0.98 5.75 -30.97
N HIS A 206 -0.18 6.57 -31.65
CA HIS A 206 1.18 6.90 -31.25
C HIS A 206 1.28 8.41 -31.18
N LYS A 207 0.81 8.99 -30.06
CA LYS A 207 0.86 10.44 -29.89
C LYS A 207 2.24 11.04 -30.12
N PRO A 208 3.37 10.44 -29.71
CA PRO A 208 4.66 11.11 -29.93
C PRO A 208 4.97 11.43 -31.39
N SER A 209 4.43 10.68 -32.35
CA SER A 209 4.61 11.00 -33.76
C SER A 209 3.34 11.55 -34.40
N ASN A 210 2.31 11.82 -33.59
CA ASN A 210 1.03 12.34 -34.07
C ASN A 210 0.44 11.45 -35.17
N THR A 211 0.56 10.13 -34.96
CA THR A 211 0.14 9.14 -35.94
C THR A 211 -0.85 8.18 -35.29
N LYS A 212 -1.95 7.91 -35.99
CA LYS A 212 -2.89 6.86 -35.61
C LYS A 212 -3.14 6.00 -36.83
N VAL A 213 -3.13 4.68 -36.64
CA VAL A 213 -3.35 3.74 -37.73
C VAL A 213 -4.55 2.87 -37.37
N ASP A 214 -5.49 2.75 -38.30
CA ASP A 214 -6.64 1.86 -38.15
C ASP A 214 -6.47 0.75 -39.18
N LYS A 215 -6.05 -0.43 -38.72
CA LYS A 215 -5.69 -1.52 -39.60
C LYS A 215 -6.81 -2.55 -39.62
N ARG A 216 -7.37 -2.80 -40.81
CA ARG A 216 -8.38 -3.83 -40.95
C ARG A 216 -7.72 -5.19 -40.98
N VAL A 217 -8.24 -6.13 -40.18
CA VAL A 217 -7.69 -7.47 -40.07
C VAL A 217 -8.69 -8.46 -40.64
N GLU A 218 -8.29 -9.17 -41.69
CA GLU A 218 -9.14 -10.17 -42.31
C GLU A 218 -8.51 -11.55 -42.19
N SER B 1 36.08 -3.05 -6.59
CA SER B 1 35.74 -2.14 -5.51
C SER B 1 34.98 -2.86 -4.41
N TYR B 2 34.18 -2.13 -3.66
CA TYR B 2 33.33 -2.68 -2.61
C TYR B 2 31.94 -2.96 -3.19
N GLU B 3 31.32 -4.04 -2.74
CA GLU B 3 30.01 -4.42 -3.23
C GLU B 3 29.16 -4.95 -2.09
N LEU B 4 27.85 -4.84 -2.27
CA LEU B 4 26.87 -5.51 -1.43
C LEU B 4 26.16 -6.54 -2.28
N THR B 5 26.17 -7.79 -1.84
CA THR B 5 25.69 -8.92 -2.64
C THR B 5 24.39 -9.45 -2.04
N GLN B 6 23.35 -9.51 -2.85
CA GLN B 6 22.06 -10.05 -2.48
C GLN B 6 21.68 -11.20 -3.41
N PRO B 7 20.85 -12.14 -2.94
CA PRO B 7 20.27 -13.11 -3.87
C PRO B 7 19.33 -12.41 -4.83
N PRO B 8 19.37 -12.76 -6.12
CA PRO B 8 18.49 -12.07 -7.08
C PRO B 8 17.01 -12.30 -6.80
N SER B 9 16.64 -13.46 -6.25
CA SER B 9 15.22 -13.76 -6.03
C SER B 9 15.04 -14.65 -4.82
N VAL B 10 13.94 -14.40 -4.11
CA VAL B 10 13.49 -15.23 -2.99
C VAL B 10 11.99 -15.45 -3.15
N SER B 11 11.55 -16.69 -2.95
CA SER B 11 10.14 -17.02 -3.02
C SER B 11 9.66 -17.49 -1.64
N VAL B 12 8.42 -17.12 -1.30
CA VAL B 12 7.85 -17.45 -0.01
C VAL B 12 6.36 -17.70 -0.19
N SER B 13 5.83 -18.64 0.59
CA SER B 13 4.38 -18.77 0.59
C SER B 13 3.77 -17.82 1.61
N PRO B 14 2.52 -17.39 1.41
CA PRO B 14 1.89 -16.48 2.37
C PRO B 14 1.86 -17.08 3.77
N GLY B 15 2.18 -16.25 4.76
CA GLY B 15 2.26 -16.69 6.13
C GLY B 15 3.61 -17.26 6.54
N GLN B 16 4.47 -17.60 5.58
CA GLN B 16 5.80 -18.07 5.91
C GLN B 16 6.75 -16.90 6.16
N THR B 17 7.95 -17.23 6.59
CA THR B 17 8.97 -16.24 6.90
C THR B 17 9.99 -16.19 5.77
N ALA B 18 10.22 -14.99 5.25
CA ALA B 18 11.21 -14.78 4.21
C ALA B 18 12.44 -14.13 4.81
N ARG B 19 13.61 -14.53 4.33
CA ARG B 19 14.87 -13.95 4.78
C ARG B 19 15.65 -13.52 3.55
N ILE B 20 16.00 -12.24 3.49
CA ILE B 20 16.75 -11.66 2.39
C ILE B 20 18.09 -11.21 2.93
N THR B 21 19.16 -11.75 2.36
CA THR B 21 20.50 -11.49 2.87
C THR B 21 21.22 -10.44 2.03
N CYS B 22 22.24 -9.84 2.64
CA CYS B 22 23.01 -8.77 2.04
C CYS B 22 24.42 -8.87 2.60
N SER B 23 25.39 -9.22 1.76
CA SER B 23 26.75 -9.49 2.18
C SER B 23 27.66 -8.33 1.81
N GLY B 24 28.48 -7.89 2.76
CA GLY B 24 29.42 -6.80 2.51
C GLY B 24 30.56 -6.77 3.51
N ASP B 25 31.78 -6.45 3.04
CA ASP B 25 32.95 -6.53 3.90
C ASP B 25 32.87 -5.58 5.09
N ALA B 26 32.24 -4.43 4.91
CA ALA B 26 32.22 -3.39 5.95
C ALA B 26 31.00 -3.45 6.85
N LEU B 27 30.07 -4.38 6.59
CA LEU B 27 28.90 -4.49 7.44
C LEU B 27 29.20 -4.77 8.91
N PRO B 28 30.29 -5.47 9.29
CA PRO B 28 30.61 -5.57 10.72
C PRO B 28 30.83 -4.23 11.40
N LYS B 29 31.17 -3.19 10.65
CA LYS B 29 31.46 -1.88 11.22
C LYS B 29 30.46 -0.80 10.86
N LYS B 30 29.62 -1.03 9.85
CA LYS B 30 28.71 -0.01 9.31
C LYS B 30 27.26 -0.45 9.48
N TYR B 31 26.38 0.55 9.51
CA TYR B 31 24.94 0.29 9.54
C TYR B 31 24.44 -0.12 8.16
N ALA B 32 23.50 -1.07 8.14
CA ALA B 32 22.77 -1.43 6.94
C ALA B 32 21.37 -0.81 6.97
N TYR B 33 20.87 -0.51 5.78
CA TYR B 33 19.52 0.03 5.61
C TYR B 33 18.81 -0.81 4.56
N TRP B 34 17.48 -0.91 4.68
CA TRP B 34 16.68 -1.71 3.77
C TRP B 34 15.59 -0.85 3.15
N PHE B 35 15.49 -0.92 1.81
CA PHE B 35 14.46 -0.22 1.05
C PHE B 35 13.59 -1.22 0.32
N GLN B 36 12.28 -0.91 0.28
CA GLN B 36 11.31 -1.66 -0.48
C GLN B 36 10.91 -0.83 -1.69
N GLN B 37 10.85 -1.46 -2.87
CA GLN B 37 10.47 -0.75 -4.09
C GLN B 37 9.42 -1.56 -4.84
N LYS B 38 8.27 -0.95 -5.08
CA LYS B 38 7.22 -1.50 -5.91
C LYS B 38 7.19 -0.81 -7.26
N PRO B 39 6.65 -1.46 -8.29
CA PRO B 39 6.73 -0.89 -9.65
C PRO B 39 6.18 0.52 -9.74
N GLY B 40 6.87 1.36 -10.51
CA GLY B 40 6.47 2.73 -10.71
C GLY B 40 6.43 3.58 -9.45
N GLN B 41 7.16 3.19 -8.41
CA GLN B 41 7.19 3.93 -7.16
C GLN B 41 8.63 4.15 -6.71
N SER B 42 8.82 5.17 -5.88
CA SER B 42 10.11 5.43 -5.28
C SER B 42 10.37 4.46 -4.13
N PRO B 43 11.63 4.22 -3.78
CA PRO B 43 11.92 3.29 -2.68
C PRO B 43 11.42 3.81 -1.35
N VAL B 44 11.06 2.87 -0.47
CA VAL B 44 10.52 3.16 0.85
C VAL B 44 11.43 2.51 1.89
N LEU B 45 11.83 3.31 2.89
CA LEU B 45 12.71 2.81 3.94
C LEU B 45 11.95 1.85 4.87
N ILE B 46 12.49 0.65 5.04
CA ILE B 46 11.86 -0.39 5.86
C ILE B 46 12.62 -0.62 7.16
N ILE B 47 13.95 -0.64 7.09
CA ILE B 47 14.80 -0.83 8.26
C ILE B 47 15.96 0.15 8.13
N TYR B 48 16.30 0.82 9.24
CA TYR B 48 17.48 1.66 9.28
C TYR B 48 18.35 1.24 10.47
N GLU B 49 19.64 1.54 10.34
CA GLU B 49 20.63 1.24 11.37
C GLU B 49 20.54 -0.21 11.83
N ASP B 50 20.62 -1.12 10.85
CA ASP B 50 20.61 -2.57 11.00
C ASP B 50 19.27 -3.15 11.43
N SER B 51 18.61 -2.53 12.41
CA SER B 51 17.52 -3.21 13.09
C SER B 51 16.36 -2.31 13.51
N LYS B 52 16.42 -1.01 13.23
CA LYS B 52 15.36 -0.09 13.66
C LYS B 52 14.28 0.03 12.59
N ARG B 53 13.03 0.15 13.06
CA ARG B 53 11.86 0.25 12.19
CA ARG B 53 11.89 0.25 12.17
C ARG B 53 11.33 1.66 12.19
N PRO B 54 11.11 2.29 11.04
CA PRO B 54 10.48 3.61 11.02
C PRO B 54 9.00 3.50 11.38
N SER B 55 8.46 4.63 11.85
CA SER B 55 7.04 4.73 12.16
C SER B 55 6.19 4.27 10.96
N GLY B 56 5.23 3.40 11.23
CA GLY B 56 4.27 2.95 10.24
C GLY B 56 4.65 1.71 9.47
N ILE B 57 5.91 1.30 9.53
CA ILE B 57 6.33 0.06 8.84
C ILE B 57 5.74 -1.13 9.59
N PRO B 58 5.18 -2.13 8.90
CA PRO B 58 4.54 -3.26 9.59
C PRO B 58 5.49 -3.99 10.52
N GLU B 59 4.94 -4.48 11.64
CA GLU B 59 5.74 -5.17 12.67
C GLU B 59 6.49 -6.37 12.12
N ARG B 60 6.01 -6.98 11.05
CA ARG B 60 6.60 -8.21 10.53
C ARG B 60 7.97 -8.02 9.90
N PHE B 61 8.36 -6.77 9.60
CA PHE B 61 9.69 -6.49 9.08
C PHE B 61 10.67 -6.30 10.23
N SER B 62 11.76 -7.05 10.23
CA SER B 62 12.82 -6.86 11.20
C SER B 62 14.18 -7.00 10.51
N GLY B 63 15.18 -6.36 11.09
CA GLY B 63 16.53 -6.40 10.54
C GLY B 63 17.55 -6.84 11.56
N SER B 64 18.62 -7.44 11.05
CA SER B 64 19.75 -7.83 11.87
C SER B 64 21.00 -7.83 11.01
N SER B 65 22.16 -7.83 11.67
CA SER B 65 23.45 -7.85 10.99
C SER B 65 24.40 -8.70 11.81
N SER B 66 24.91 -9.78 11.20
CA SER B 66 25.83 -10.69 11.88
C SER B 66 27.01 -10.94 10.96
N GLY B 67 28.21 -10.63 11.43
CA GLY B 67 29.37 -10.77 10.58
C GLY B 67 29.22 -9.84 9.38
N THR B 68 29.50 -10.38 8.20
CA THR B 68 29.42 -9.61 6.96
C THR B 68 28.06 -9.74 6.28
N VAL B 69 27.03 -10.20 6.97
CA VAL B 69 25.73 -10.48 6.37
C VAL B 69 24.64 -9.75 7.15
N ALA B 70 23.96 -8.83 6.49
CA ALA B 70 22.73 -8.23 7.01
C ALA B 70 21.53 -8.97 6.44
N THR B 71 20.52 -9.18 7.29
CA THR B 71 19.34 -9.93 6.88
C THR B 71 18.07 -9.13 7.18
N LEU B 72 17.22 -9.01 6.16
CA LEU B 72 15.86 -8.55 6.33
C LEU B 72 14.96 -9.76 6.51
N THR B 73 14.26 -9.84 7.65
CA THR B 73 13.36 -10.94 7.93
C THR B 73 11.92 -10.44 7.84
N ILE B 74 11.10 -11.14 7.07
CA ILE B 74 9.69 -10.82 6.91
C ILE B 74 8.92 -11.99 7.49
N SER B 75 8.48 -11.86 8.73
CA SER B 75 7.70 -12.91 9.37
C SER B 75 6.27 -12.87 8.86
N GLY B 76 5.75 -14.04 8.49
CA GLY B 76 4.38 -14.12 7.99
C GLY B 76 4.16 -13.24 6.78
N ALA B 77 4.91 -13.50 5.72
CA ALA B 77 4.87 -12.64 4.53
C ALA B 77 3.47 -12.57 3.97
N GLN B 78 3.10 -11.38 3.49
CA GLN B 78 1.83 -11.13 2.84
C GLN B 78 2.05 -10.84 1.36
N VAL B 79 0.98 -11.00 0.59
CA VAL B 79 1.07 -10.75 -0.86
C VAL B 79 1.46 -9.31 -1.12
N GLU B 80 1.03 -8.37 -0.27
CA GLU B 80 1.41 -6.98 -0.44
C GLU B 80 2.89 -6.73 -0.14
N ASP B 81 3.61 -7.71 0.38
CA ASP B 81 5.05 -7.58 0.58
C ASP B 81 5.85 -7.93 -0.67
N GLU B 82 5.19 -8.42 -1.71
CA GLU B 82 5.86 -8.69 -2.98
C GLU B 82 6.43 -7.40 -3.55
N ALA B 83 7.74 -7.36 -3.76
CA ALA B 83 8.45 -6.14 -4.14
C ALA B 83 9.93 -6.50 -4.33
N ASP B 84 10.68 -5.52 -4.81
CA ASP B 84 12.14 -5.59 -4.80
C ASP B 84 12.67 -4.95 -3.51
N TYR B 85 13.63 -5.62 -2.88
CA TYR B 85 14.22 -5.13 -1.64
C TYR B 85 15.70 -4.87 -1.87
N TYR B 86 16.15 -3.68 -1.49
CA TYR B 86 17.53 -3.26 -1.64
C TYR B 86 18.15 -2.99 -0.27
N CYS B 87 19.29 -3.59 0.00
CA CYS B 87 20.09 -3.15 1.13
C CYS B 87 20.98 -1.98 0.71
N TYR B 88 21.38 -1.18 1.69
CA TYR B 88 22.14 0.03 1.44
C TYR B 88 23.06 0.28 2.62
N SER B 89 24.29 0.68 2.33
CA SER B 89 25.27 0.98 3.36
C SER B 89 26.29 1.92 2.76
N THR B 90 27.49 1.97 3.34
CA THR B 90 28.56 2.80 2.83
C THR B 90 29.80 1.93 2.62
N ASP B 91 30.78 2.51 1.92
CA ASP B 91 32.10 1.92 1.90
C ASP B 91 32.74 2.05 3.28
N SER B 92 33.92 1.46 3.44
CA SER B 92 34.56 1.44 4.75
C SER B 92 34.86 2.85 5.25
N SER B 93 35.15 3.78 4.35
CA SER B 93 35.44 5.16 4.77
C SER B 93 34.18 5.84 5.31
N GLY B 94 33.00 5.45 4.84
CA GLY B 94 31.77 6.11 5.22
C GLY B 94 31.39 7.29 4.35
N TYR B 95 32.15 7.59 3.30
CA TYR B 95 31.89 8.76 2.47
C TYR B 95 31.01 8.47 1.26
N HIS B 96 30.86 7.21 0.87
CA HIS B 96 30.13 6.85 -0.34
C HIS B 96 29.02 5.86 -0.03
N GLY B 97 27.82 6.13 -0.55
CA GLY B 97 26.74 5.17 -0.42
C GLY B 97 26.85 4.04 -1.43
N LEU B 98 26.23 2.91 -1.08
CA LEU B 98 26.26 1.72 -1.92
C LEU B 98 24.97 0.94 -1.72
N PHE B 99 24.37 0.50 -2.83
CA PHE B 99 23.22 -0.40 -2.80
C PHE B 99 23.66 -1.82 -3.14
N GLY B 100 22.99 -2.79 -2.52
CA GLY B 100 23.02 -4.14 -3.03
C GLY B 100 22.33 -4.24 -4.38
N GLY B 101 22.50 -5.38 -5.04
CA GLY B 101 21.90 -5.58 -6.35
C GLY B 101 20.40 -5.75 -6.35
N GLY B 102 19.80 -5.91 -5.17
CA GLY B 102 18.36 -6.06 -5.07
C GLY B 102 17.93 -7.50 -5.09
N THR B 103 16.84 -7.78 -4.37
CA THR B 103 16.21 -9.10 -4.33
C THR B 103 14.74 -8.97 -4.67
N ARG B 104 14.29 -9.75 -5.65
CA ARG B 104 12.89 -9.78 -6.02
C ARG B 104 12.19 -10.81 -5.13
N LEU B 105 11.30 -10.33 -4.27
CA LEU B 105 10.55 -11.22 -3.39
C LEU B 105 9.24 -11.60 -4.05
N THR B 106 9.08 -12.88 -4.34
CA THR B 106 7.82 -13.43 -4.84
C THR B 106 7.05 -14.03 -3.67
N VAL B 107 5.81 -13.58 -3.49
CA VAL B 107 4.88 -14.17 -2.53
C VAL B 107 3.83 -14.89 -3.35
N LEU B 108 3.80 -16.22 -3.23
CA LEU B 108 3.04 -17.03 -4.17
C LEU B 108 1.54 -16.77 -4.07
N GLY B 109 0.85 -17.45 -3.15
CA GLY B 109 -0.53 -17.13 -2.88
C GLY B 109 -1.53 -17.26 -4.02
N GLN B 110 -1.13 -17.87 -5.13
CA GLN B 110 -2.08 -18.42 -6.09
C GLN B 110 -1.42 -19.62 -6.76
N PRO B 111 -2.21 -20.56 -7.26
CA PRO B 111 -1.63 -21.79 -7.81
C PRO B 111 -0.79 -21.52 -9.04
N LYS B 112 0.18 -22.38 -9.27
CA LYS B 112 0.94 -22.34 -10.51
C LYS B 112 -0.02 -22.45 -11.69
N ALA B 113 0.29 -21.71 -12.76
CA ALA B 113 -0.54 -21.70 -13.95
C ALA B 113 0.34 -21.75 -15.18
N ALA B 114 0.07 -22.70 -16.07
CA ALA B 114 0.84 -22.86 -17.28
C ALA B 114 0.50 -21.79 -18.31
N PRO B 115 1.47 -21.37 -19.11
CA PRO B 115 1.22 -20.29 -20.07
C PRO B 115 0.34 -20.74 -21.24
N SER B 116 -0.51 -19.83 -21.70
CA SER B 116 -1.16 -19.94 -22.98
C SER B 116 -0.28 -19.25 -24.03
N VAL B 117 -0.02 -19.95 -25.14
CA VAL B 117 0.92 -19.48 -26.15
C VAL B 117 0.21 -19.43 -27.50
N THR B 118 0.33 -18.31 -28.19
CA THR B 118 -0.17 -18.15 -29.55
C THR B 118 0.97 -17.65 -30.43
N LEU B 119 1.23 -18.35 -31.53
CA LEU B 119 2.29 -18.01 -32.47
C LEU B 119 1.68 -17.66 -33.82
N PHE B 120 1.97 -16.44 -34.29
CA PHE B 120 1.49 -15.96 -35.59
C PHE B 120 2.59 -16.02 -36.65
N PRO B 121 2.25 -16.48 -37.85
CA PRO B 121 3.18 -16.37 -38.97
C PRO B 121 3.23 -14.95 -39.50
N PRO B 122 4.18 -14.62 -40.39
CA PRO B 122 4.22 -13.27 -40.95
C PRO B 122 3.01 -13.00 -41.84
N SER B 123 2.61 -11.73 -41.86
CA SER B 123 1.56 -11.30 -42.78
C SER B 123 2.09 -11.23 -44.20
N SER B 124 1.18 -11.35 -45.17
CA SER B 124 1.57 -11.21 -46.56
C SER B 124 2.08 -9.81 -46.85
N GLU B 125 1.53 -8.79 -46.19
CA GLU B 125 2.01 -7.42 -46.39
C GLU B 125 3.46 -7.28 -45.99
N GLU B 126 3.84 -7.83 -44.83
CA GLU B 126 5.24 -7.76 -44.43
C GLU B 126 6.11 -8.57 -45.37
N LEU B 127 5.64 -9.76 -45.78
CA LEU B 127 6.41 -10.60 -46.70
C LEU B 127 6.64 -9.90 -48.02
N GLN B 128 5.67 -9.13 -48.49
CA GLN B 128 5.84 -8.38 -49.73
C GLN B 128 6.82 -7.24 -49.59
N ALA B 129 7.19 -6.87 -48.36
CA ALA B 129 8.28 -5.96 -48.08
C ALA B 129 9.57 -6.72 -47.75
N ASN B 130 9.62 -8.02 -48.06
CA ASN B 130 10.80 -8.86 -47.90
C ASN B 130 11.19 -9.07 -46.44
N LYS B 131 10.24 -8.91 -45.52
CA LYS B 131 10.51 -9.12 -44.11
C LYS B 131 9.51 -10.14 -43.56
N ALA B 132 9.89 -10.78 -42.45
CA ALA B 132 9.03 -11.78 -41.82
C ALA B 132 9.26 -11.74 -40.32
N THR B 133 8.28 -11.25 -39.57
CA THR B 133 8.35 -11.21 -38.11
C THR B 133 7.41 -12.26 -37.54
N LEU B 134 7.95 -13.22 -36.80
CA LEU B 134 7.15 -14.21 -36.09
C LEU B 134 6.83 -13.67 -34.69
N VAL B 135 5.56 -13.77 -34.29
CA VAL B 135 5.07 -13.15 -33.07
C VAL B 135 4.57 -14.25 -32.14
N CYS B 136 5.22 -14.38 -30.97
CA CYS B 136 4.90 -15.41 -30.01
C CYS B 136 4.36 -14.73 -28.75
N LEU B 137 3.07 -14.89 -28.50
CA LEU B 137 2.39 -14.20 -27.41
C LEU B 137 2.10 -15.19 -26.28
N ILE B 138 2.41 -14.78 -25.05
CA ILE B 138 2.44 -15.69 -23.91
C ILE B 138 1.65 -15.05 -22.77
N SER B 139 0.61 -15.73 -22.28
CA SER B 139 -0.26 -15.11 -21.29
C SER B 139 -0.66 -16.10 -20.20
N ASP B 140 -1.16 -15.53 -19.10
CA ASP B 140 -1.84 -16.28 -18.03
C ASP B 140 -0.92 -17.31 -17.35
N PHE B 141 0.33 -16.94 -17.19
CA PHE B 141 1.23 -17.79 -16.46
C PHE B 141 1.52 -17.28 -15.03
N TYR B 142 1.77 -18.22 -14.14
CA TYR B 142 2.12 -17.94 -12.75
C TYR B 142 3.01 -19.05 -12.17
N PRO B 143 4.11 -18.70 -11.51
CA PRO B 143 4.67 -17.39 -11.27
C PRO B 143 5.23 -16.69 -12.51
N GLY B 144 5.60 -15.42 -12.34
CA GLY B 144 5.97 -14.62 -13.49
C GLY B 144 7.42 -14.77 -13.92
N ALA B 145 7.74 -15.95 -14.45
CA ALA B 145 9.07 -16.21 -14.99
C ALA B 145 8.96 -17.25 -16.10
N VAL B 146 9.51 -16.93 -17.27
CA VAL B 146 9.55 -17.86 -18.39
C VAL B 146 10.91 -17.75 -19.08
N GLU B 147 11.24 -18.79 -19.83
CA GLU B 147 12.37 -18.77 -20.77
C GLU B 147 11.82 -19.09 -22.15
N VAL B 148 12.29 -18.36 -23.16
CA VAL B 148 11.79 -18.51 -24.52
C VAL B 148 12.97 -18.81 -25.44
N ALA B 149 12.82 -19.82 -26.27
CA ALA B 149 13.80 -20.18 -27.29
C ALA B 149 13.06 -20.44 -28.59
N TRP B 150 13.77 -20.29 -29.70
CA TRP B 150 13.23 -20.50 -31.03
C TRP B 150 14.03 -21.58 -31.76
N LYS B 151 13.33 -22.33 -32.61
CA LYS B 151 13.96 -23.34 -33.44
C LYS B 151 13.51 -23.17 -34.88
N ALA B 152 14.38 -23.56 -35.80
CA ALA B 152 14.07 -23.60 -37.22
C ALA B 152 14.46 -24.97 -37.74
N ASP B 153 13.47 -25.75 -38.19
CA ASP B 153 13.67 -27.12 -38.63
C ASP B 153 14.50 -27.92 -37.61
N GLY B 154 14.21 -27.71 -36.33
CA GLY B 154 14.88 -28.42 -35.27
C GLY B 154 16.19 -27.82 -34.82
N SER B 155 16.72 -26.83 -35.52
CA SER B 155 18.01 -26.24 -35.19
C SER B 155 17.82 -24.96 -34.38
N ALA B 156 18.79 -24.69 -33.52
CA ALA B 156 18.76 -23.50 -32.69
C ALA B 156 18.75 -22.24 -33.53
N VAL B 157 18.00 -21.24 -33.08
CA VAL B 157 18.03 -19.90 -33.65
C VAL B 157 18.88 -19.05 -32.72
N ASN B 158 19.99 -18.55 -33.25
CA ASN B 158 21.02 -17.92 -32.43
C ASN B 158 20.98 -16.40 -32.45
N ALA B 159 20.12 -15.80 -33.25
CA ALA B 159 20.06 -14.35 -33.35
C ALA B 159 18.65 -13.93 -33.76
N GLY B 160 18.37 -12.63 -33.58
CA GLY B 160 17.11 -12.06 -34.02
C GLY B 160 15.95 -12.23 -33.09
N VAL B 161 16.17 -12.73 -31.87
CA VAL B 161 15.10 -12.98 -30.91
C VAL B 161 15.07 -11.81 -29.94
N GLU B 162 13.88 -11.25 -29.76
CA GLU B 162 13.67 -10.19 -28.78
C GLU B 162 12.50 -10.62 -27.91
N THR B 163 12.74 -10.71 -26.60
CA THR B 163 11.76 -11.22 -25.66
C THR B 163 11.58 -10.23 -24.52
N THR B 164 10.33 -9.97 -24.15
CA THR B 164 10.04 -9.06 -23.06
C THR B 164 10.25 -9.76 -21.71
N LYS B 165 10.39 -8.95 -20.68
CA LYS B 165 10.25 -9.44 -19.33
C LYS B 165 8.77 -9.70 -19.07
N PRO B 166 8.43 -10.52 -18.09
CA PRO B 166 7.02 -10.74 -17.78
C PRO B 166 6.40 -9.49 -17.18
N SER B 167 5.11 -9.28 -17.48
CA SER B 167 4.37 -8.15 -16.96
C SER B 167 3.09 -8.67 -16.32
N LYS B 168 2.77 -8.11 -15.16
CA LYS B 168 1.59 -8.55 -14.45
C LYS B 168 0.27 -8.13 -15.12
N GLN B 169 -0.64 -9.07 -15.27
CA GLN B 169 -1.93 -8.87 -15.85
C GLN B 169 -2.89 -8.44 -14.74
N SER B 170 -4.07 -8.04 -15.14
CA SER B 170 -5.06 -7.68 -14.12
C SER B 170 -5.54 -8.82 -13.25
N ASN B 171 -5.46 -10.06 -13.69
CA ASN B 171 -5.83 -11.17 -12.92
C ASN B 171 -4.75 -11.72 -12.06
N ASN B 172 -3.60 -11.05 -12.02
CA ASN B 172 -2.44 -11.36 -11.26
C ASN B 172 -1.56 -12.43 -11.76
N LYS B 173 -1.89 -12.89 -12.95
CA LYS B 173 -1.04 -13.76 -13.72
C LYS B 173 -0.11 -12.85 -14.59
N TYR B 174 0.75 -13.49 -15.38
CA TYR B 174 1.74 -12.75 -16.14
C TYR B 174 1.68 -13.01 -17.63
N ALA B 175 2.15 -12.02 -18.37
CA ALA B 175 2.21 -12.07 -19.82
C ALA B 175 3.61 -11.70 -20.29
N ALA B 176 3.96 -12.19 -21.48
CA ALA B 176 5.22 -11.82 -22.12
C ALA B 176 5.05 -12.07 -23.62
N SER B 177 6.01 -11.56 -24.39
CA SER B 177 5.99 -11.82 -25.82
C SER B 177 7.41 -11.97 -26.32
N SER B 178 7.55 -12.70 -27.42
CA SER B 178 8.84 -12.91 -28.03
C SER B 178 8.70 -12.76 -29.54
N TYR B 179 9.71 -12.17 -30.16
CA TYR B 179 9.68 -11.84 -31.59
C TYR B 179 10.93 -12.41 -32.25
N LEU B 180 10.74 -13.05 -33.39
CA LEU B 180 11.83 -13.51 -34.23
C LEU B 180 11.75 -12.77 -35.56
N SER B 181 12.77 -11.95 -35.85
CA SER B 181 12.80 -11.11 -37.03
C SER B 181 13.60 -11.81 -38.12
N LEU B 182 12.96 -12.14 -39.23
CA LEU B 182 13.56 -12.84 -40.35
C LEU B 182 13.42 -12.01 -41.61
N THR B 183 14.18 -12.38 -42.64
CA THR B 183 13.86 -11.93 -43.98
C THR B 183 12.82 -12.86 -44.58
N SER B 184 12.18 -12.38 -45.65
CA SER B 184 11.25 -13.23 -46.39
C SER B 184 11.93 -14.50 -46.89
N ASP B 185 13.16 -14.36 -47.40
CA ASP B 185 13.88 -15.52 -47.92
C ASP B 185 14.18 -16.54 -46.82
N GLN B 186 14.52 -16.07 -45.62
CA GLN B 186 14.79 -17.00 -44.52
C GLN B 186 13.54 -17.76 -44.14
N TRP B 187 12.42 -17.04 -44.02
CA TRP B 187 11.13 -17.68 -43.69
C TRP B 187 10.82 -18.80 -44.68
N LYS B 188 10.99 -18.53 -45.97
CA LYS B 188 10.65 -19.52 -46.99
C LYS B 188 11.71 -20.61 -47.14
N SER B 189 12.85 -20.49 -46.47
CA SER B 189 13.93 -21.45 -46.58
C SER B 189 13.80 -22.64 -45.63
N HIS B 190 12.83 -22.60 -44.71
CA HIS B 190 12.66 -23.66 -43.74
C HIS B 190 11.26 -24.23 -43.81
N LYS B 191 11.13 -25.47 -43.35
CA LYS B 191 9.82 -26.11 -43.34
C LYS B 191 8.96 -25.63 -42.17
N SER B 192 9.58 -25.31 -41.03
CA SER B 192 8.80 -24.78 -39.92
C SER B 192 9.71 -24.01 -38.96
N TYR B 193 9.07 -23.19 -38.13
CA TYR B 193 9.68 -22.49 -37.02
C TYR B 193 8.85 -22.75 -35.77
N SER B 194 9.52 -22.80 -34.63
CA SER B 194 8.84 -23.04 -33.36
C SER B 194 9.26 -22.02 -32.32
N CYS B 195 8.28 -21.58 -31.53
CA CYS B 195 8.50 -20.80 -30.31
C CYS B 195 8.36 -21.76 -29.13
N GLN B 196 9.38 -21.82 -28.29
CA GLN B 196 9.41 -22.74 -27.15
C GLN B 196 9.39 -21.93 -25.85
N VAL B 197 8.37 -22.15 -25.04
CA VAL B 197 8.17 -21.39 -23.80
C VAL B 197 8.31 -22.35 -22.64
N THR B 198 9.33 -22.13 -21.81
CA THR B 198 9.59 -22.97 -20.66
C THR B 198 9.13 -22.26 -19.39
N HIS B 199 8.32 -22.95 -18.59
CA HIS B 199 7.74 -22.39 -17.37
C HIS B 199 7.72 -23.47 -16.31
N GLU B 200 8.37 -23.20 -15.18
CA GLU B 200 8.38 -24.13 -14.04
C GLU B 200 8.82 -25.54 -14.45
N GLY B 201 9.84 -25.61 -15.29
CA GLY B 201 10.47 -26.87 -15.64
C GLY B 201 9.85 -27.62 -16.79
N SER B 202 8.76 -27.12 -17.37
CA SER B 202 8.11 -27.77 -18.51
C SER B 202 7.99 -26.76 -19.64
N THR B 203 7.76 -27.27 -20.85
CA THR B 203 7.82 -26.44 -22.05
C THR B 203 6.59 -26.66 -22.92
N VAL B 204 6.08 -25.55 -23.48
CA VAL B 204 5.06 -25.60 -24.51
C VAL B 204 5.67 -25.02 -25.77
N GLU B 205 5.49 -25.71 -26.90
CA GLU B 205 6.06 -25.30 -28.17
C GLU B 205 4.93 -25.10 -29.17
N LYS B 206 4.97 -23.97 -29.87
CA LYS B 206 4.03 -23.68 -30.94
C LYS B 206 4.81 -23.57 -32.25
N THR B 207 4.24 -24.08 -33.33
CA THR B 207 4.95 -24.14 -34.60
C THR B 207 4.13 -23.47 -35.70
N VAL B 208 4.81 -22.81 -36.62
CA VAL B 208 4.21 -22.28 -37.83
C VAL B 208 5.04 -22.72 -39.02
N ALA B 209 4.40 -22.81 -40.18
CA ALA B 209 5.05 -23.27 -41.40
C ALA B 209 4.65 -22.38 -42.56
N PRO B 210 5.60 -22.03 -43.44
CA PRO B 210 5.23 -21.30 -44.66
C PRO B 210 4.20 -22.09 -45.46
N ALA B 211 3.11 -21.42 -45.81
CA ALA B 211 2.00 -22.08 -46.48
C ALA B 211 1.80 -21.53 -47.89
N GLU C 1 -39.99 -7.42 8.33
CA GLU C 1 -38.72 -6.74 8.14
C GLU C 1 -37.59 -7.77 8.12
N VAL C 2 -36.54 -7.47 7.37
CA VAL C 2 -35.33 -8.29 7.40
C VAL C 2 -34.58 -8.06 8.70
N GLN C 3 -34.14 -9.16 9.33
CA GLN C 3 -33.34 -9.10 10.52
C GLN C 3 -32.15 -10.05 10.40
N LEU C 4 -30.99 -9.57 10.82
CA LEU C 4 -29.78 -10.38 10.88
C LEU C 4 -29.24 -10.34 12.30
N VAL C 5 -29.07 -11.50 12.92
CA VAL C 5 -28.58 -11.60 14.29
C VAL C 5 -27.26 -12.37 14.26
N GLN C 6 -26.20 -11.72 14.71
CA GLN C 6 -24.86 -12.31 14.66
C GLN C 6 -24.47 -12.86 16.04
N SER C 7 -23.60 -13.87 16.02
CA SER C 7 -23.07 -14.43 17.24
C SER C 7 -22.23 -13.39 17.98
N GLY C 8 -21.88 -13.71 19.24
CA GLY C 8 -21.30 -12.73 20.13
C GLY C 8 -19.80 -12.60 20.01
N ALA C 9 -19.27 -11.59 20.71
CA ALA C 9 -17.86 -11.24 20.61
C ALA C 9 -16.98 -12.42 21.02
N GLU C 10 -15.81 -12.52 20.38
CA GLU C 10 -14.90 -13.63 20.57
C GLU C 10 -13.52 -13.13 20.94
N VAL C 11 -12.87 -13.84 21.86
CA VAL C 11 -11.46 -13.62 22.19
C VAL C 11 -10.75 -14.94 21.99
N LYS C 12 -9.89 -15.00 20.97
CA LYS C 12 -9.20 -16.23 20.60
C LYS C 12 -7.70 -15.98 20.60
N ARG C 13 -6.96 -17.09 20.48
CA ARG C 13 -5.51 -17.04 20.40
C ARG C 13 -5.07 -17.43 18.99
N PRO C 14 -3.95 -16.90 18.51
CA PRO C 14 -3.45 -17.30 17.19
C PRO C 14 -3.33 -18.81 17.07
N GLY C 15 -3.74 -19.35 15.92
CA GLY C 15 -3.73 -20.77 15.68
C GLY C 15 -4.99 -21.51 16.07
N GLU C 16 -5.90 -20.88 16.80
CA GLU C 16 -7.15 -21.53 17.16
C GLU C 16 -8.15 -21.42 16.02
N SER C 17 -9.10 -22.35 16.00
CA SER C 17 -10.18 -22.32 15.03
C SER C 17 -11.34 -21.48 15.55
N LEU C 18 -12.18 -21.01 14.63
CA LEU C 18 -13.29 -20.17 15.00
C LEU C 18 -14.37 -20.25 13.94
N LYS C 19 -15.63 -20.33 14.37
CA LYS C 19 -16.78 -20.28 13.48
C LYS C 19 -17.79 -19.28 14.05
N ILE C 20 -18.13 -18.27 13.26
CA ILE C 20 -19.10 -17.26 13.67
C ILE C 20 -20.33 -17.39 12.77
N SER C 21 -21.46 -16.88 13.25
CA SER C 21 -22.73 -17.15 12.61
C SER C 21 -23.55 -15.88 12.40
N CYS C 22 -24.54 -16.00 11.51
CA CYS C 22 -25.42 -14.90 11.13
C CYS C 22 -26.79 -15.52 10.84
N LYS C 23 -27.73 -15.37 11.76
CA LYS C 23 -29.07 -15.93 11.60
C LYS C 23 -30.02 -14.88 11.07
N THR C 24 -30.70 -15.19 9.97
CA THR C 24 -31.56 -14.23 9.29
C THR C 24 -33.03 -14.59 9.46
N SER C 25 -33.87 -13.58 9.26
CA SER C 25 -35.32 -13.77 9.27
C SER C 25 -35.95 -12.64 8.45
N GLY C 26 -37.24 -12.82 8.13
CA GLY C 26 -38.01 -11.80 7.45
C GLY C 26 -37.93 -11.81 5.94
N TYR C 27 -37.23 -12.77 5.35
CA TYR C 27 -37.16 -12.87 3.89
C TYR C 27 -36.77 -14.31 3.55
N SER C 28 -36.85 -14.62 2.26
CA SER C 28 -36.47 -15.95 1.78
C SER C 28 -34.95 -16.09 1.81
N PHE C 29 -34.43 -16.83 2.80
CA PHE C 29 -33.00 -16.98 2.98
C PHE C 29 -32.33 -17.54 1.72
N THR C 30 -33.02 -18.44 1.02
CA THR C 30 -32.47 -19.09 -0.16
C THR C 30 -32.64 -18.27 -1.43
N SER C 31 -33.27 -17.09 -1.36
CA SER C 31 -33.50 -16.26 -2.54
C SER C 31 -32.46 -15.16 -2.72
N TYR C 32 -31.55 -14.97 -1.76
CA TYR C 32 -30.56 -13.92 -1.83
C TYR C 32 -29.21 -14.45 -1.33
N TRP C 33 -28.14 -13.99 -1.97
CA TRP C 33 -26.80 -14.25 -1.46
C TRP C 33 -26.58 -13.56 -0.11
N ILE C 34 -25.64 -14.08 0.65
CA ILE C 34 -25.15 -13.48 1.89
C ILE C 34 -23.67 -13.20 1.73
N SER C 35 -23.25 -11.96 1.94
CA SER C 35 -21.85 -11.57 1.91
C SER C 35 -21.28 -11.44 3.32
N TRP C 36 -19.98 -11.65 3.43
CA TRP C 36 -19.24 -11.36 4.66
C TRP C 36 -18.24 -10.25 4.41
N VAL C 37 -18.22 -9.26 5.31
CA VAL C 37 -17.38 -8.09 5.21
C VAL C 37 -16.65 -7.94 6.54
N ARG C 38 -15.37 -7.56 6.50
CA ARG C 38 -14.65 -7.36 7.74
C ARG C 38 -14.02 -5.97 7.75
N GLN C 39 -13.68 -5.54 8.95
CA GLN C 39 -13.08 -4.22 9.17
C GLN C 39 -12.11 -4.35 10.34
N MET C 40 -10.81 -4.35 10.05
CA MET C 40 -9.81 -4.33 11.09
C MET C 40 -9.87 -2.99 11.83
N PRO C 41 -9.48 -2.96 13.11
CA PRO C 41 -9.59 -1.71 13.88
C PRO C 41 -8.86 -0.56 13.20
N GLY C 42 -9.58 0.55 13.02
CA GLY C 42 -9.03 1.72 12.38
C GLY C 42 -8.77 1.60 10.90
N LYS C 43 -9.24 0.54 10.26
CA LYS C 43 -9.02 0.31 8.84
C LYS C 43 -10.35 0.32 8.09
N GLY C 44 -10.28 0.04 6.79
CA GLY C 44 -11.45 0.12 5.93
C GLY C 44 -12.22 -1.19 5.81
N LEU C 45 -13.38 -1.11 5.16
CA LEU C 45 -14.18 -2.29 4.90
C LEU C 45 -13.51 -3.16 3.85
N GLU C 46 -13.61 -4.49 4.02
CA GLU C 46 -13.05 -5.45 3.08
C GLU C 46 -14.10 -6.50 2.77
N TRP C 47 -14.41 -6.69 1.49
CA TRP C 47 -15.30 -7.75 1.08
C TRP C 47 -14.53 -9.07 1.09
N MET C 48 -15.06 -10.06 1.83
CA MET C 48 -14.41 -11.35 1.98
C MET C 48 -14.95 -12.40 1.01
N GLY C 49 -16.26 -12.48 0.88
CA GLY C 49 -16.86 -13.52 0.06
C GLY C 49 -18.36 -13.53 0.24
N ALA C 50 -19.01 -14.44 -0.47
CA ALA C 50 -20.46 -14.54 -0.42
C ALA C 50 -20.89 -15.97 -0.74
N ILE C 51 -22.09 -16.33 -0.27
CA ILE C 51 -22.64 -17.66 -0.50
C ILE C 51 -24.10 -17.55 -0.95
N ASP C 52 -24.51 -18.44 -1.86
CA ASP C 52 -25.88 -18.61 -2.30
C ASP C 52 -26.47 -19.78 -1.52
N PRO C 53 -27.33 -19.55 -0.52
CA PRO C 53 -27.83 -20.68 0.28
C PRO C 53 -28.74 -21.62 -0.48
N SER C 54 -29.21 -21.26 -1.68
CA SER C 54 -30.06 -22.17 -2.43
C SER C 54 -29.29 -23.32 -3.05
N ASP C 55 -27.98 -23.17 -3.24
CA ASP C 55 -27.21 -24.22 -3.91
C ASP C 55 -25.77 -24.30 -3.40
N SER C 56 -25.42 -23.56 -2.35
CA SER C 56 -24.10 -23.58 -1.71
C SER C 56 -23.00 -23.00 -2.60
N ASP C 57 -23.37 -22.33 -3.69
CA ASP C 57 -22.38 -21.62 -4.50
C ASP C 57 -21.67 -20.57 -3.66
N THR C 58 -20.35 -20.55 -3.72
CA THR C 58 -19.55 -19.58 -2.96
C THR C 58 -18.60 -18.82 -3.89
N ARG C 59 -18.37 -17.56 -3.54
CA ARG C 59 -17.35 -16.75 -4.18
C ARG C 59 -16.50 -16.12 -3.10
N TYR C 60 -15.20 -16.03 -3.34
CA TYR C 60 -14.27 -15.49 -2.35
C TYR C 60 -13.40 -14.43 -3.00
N SER C 61 -13.12 -13.37 -2.25
CA SER C 61 -12.07 -12.45 -2.66
C SER C 61 -10.75 -13.20 -2.82
N PRO C 62 -9.95 -12.88 -3.82
CA PRO C 62 -8.65 -13.56 -3.96
C PRO C 62 -7.78 -13.44 -2.73
N SER C 63 -7.95 -12.38 -1.94
CA SER C 63 -7.17 -12.20 -0.73
C SER C 63 -7.57 -13.16 0.39
N PHE C 64 -8.77 -13.74 0.31
CA PHE C 64 -9.26 -14.62 1.37
C PHE C 64 -9.47 -16.06 0.92
N GLN C 65 -9.47 -16.33 -0.39
CA GLN C 65 -9.69 -17.69 -0.87
C GLN C 65 -8.67 -18.64 -0.26
N GLY C 66 -9.16 -19.77 0.24
CA GLY C 66 -8.32 -20.76 0.87
C GLY C 66 -7.95 -20.47 2.31
N GLN C 67 -8.27 -19.28 2.82
CA GLN C 67 -7.96 -18.91 4.19
C GLN C 67 -9.17 -18.91 5.11
N VAL C 68 -10.38 -18.89 4.54
CA VAL C 68 -11.62 -18.93 5.29
C VAL C 68 -12.61 -19.79 4.50
N THR C 69 -13.64 -20.27 5.22
CA THR C 69 -14.70 -21.05 4.60
C THR C 69 -16.04 -20.41 4.98
N ILE C 70 -16.83 -20.06 3.97
CA ILE C 70 -18.19 -19.58 4.16
C ILE C 70 -19.15 -20.73 3.91
N SER C 71 -20.16 -20.86 4.77
CA SER C 71 -21.13 -21.95 4.65
C SER C 71 -22.49 -21.44 5.09
N ALA C 72 -23.51 -22.29 4.93
CA ALA C 72 -24.86 -21.92 5.29
C ALA C 72 -25.67 -23.16 5.62
N ASP C 73 -26.68 -22.97 6.48
CA ASP C 73 -27.62 -24.02 6.87
C ASP C 73 -29.02 -23.45 6.66
N LYS C 74 -29.68 -23.86 5.57
CA LYS C 74 -30.99 -23.29 5.24
C LYS C 74 -32.04 -23.67 6.27
N SER C 75 -31.86 -24.79 6.97
CA SER C 75 -32.86 -25.25 7.94
C SER C 75 -33.08 -24.23 9.05
N ILE C 76 -32.04 -23.46 9.40
CA ILE C 76 -32.11 -22.46 10.44
C ILE C 76 -31.73 -21.08 9.91
N SER C 77 -31.76 -20.91 8.59
CA SER C 77 -31.54 -19.61 7.93
C SER C 77 -30.29 -18.92 8.43
N THR C 78 -29.20 -19.67 8.58
CA THR C 78 -27.97 -19.16 9.18
C THR C 78 -26.80 -19.31 8.21
N ALA C 79 -26.01 -18.25 8.07
CA ALA C 79 -24.75 -18.29 7.35
C ALA C 79 -23.59 -18.30 8.34
N TYR C 80 -22.45 -18.81 7.89
CA TYR C 80 -21.29 -18.98 8.76
C TYR C 80 -20.02 -18.52 8.06
N LEU C 81 -19.04 -18.12 8.87
CA LEU C 81 -17.68 -17.83 8.45
C LEU C 81 -16.73 -18.50 9.42
N GLN C 82 -15.75 -19.24 8.92
CA GLN C 82 -14.92 -20.02 9.82
C GLN C 82 -13.46 -20.03 9.39
N TRP C 83 -12.59 -20.17 10.39
CA TRP C 83 -11.14 -20.28 10.23
C TRP C 83 -10.68 -21.56 10.89
N SER C 84 -9.73 -22.25 10.25
CA SER C 84 -9.07 -23.36 10.90
C SER C 84 -7.90 -22.93 11.78
N SER C 85 -7.26 -21.80 11.48
CA SER C 85 -6.09 -21.35 12.22
C SER C 85 -6.03 -19.82 12.14
N LEU C 86 -6.49 -19.15 13.20
CA LEU C 86 -6.57 -17.70 13.20
C LEU C 86 -5.19 -17.05 13.26
N LYS C 87 -5.08 -15.89 12.62
CA LYS C 87 -3.94 -14.99 12.74
C LYS C 87 -4.31 -13.83 13.66
N ALA C 88 -3.26 -13.21 14.23
CA ALA C 88 -3.48 -12.01 15.02
C ALA C 88 -4.12 -10.91 14.19
N SER C 89 -3.74 -10.79 12.92
CA SER C 89 -4.32 -9.80 12.03
C SER C 89 -5.77 -10.10 11.66
N ASP C 90 -6.32 -11.22 12.10
CA ASP C 90 -7.75 -11.48 11.92
C ASP C 90 -8.59 -10.77 12.96
N SER C 91 -7.97 -10.05 13.90
CA SER C 91 -8.72 -9.18 14.79
C SER C 91 -9.47 -8.14 13.97
N ALA C 92 -10.79 -8.15 14.06
CA ALA C 92 -11.61 -7.31 13.22
C ALA C 92 -13.06 -7.39 13.69
N THR C 93 -13.86 -6.45 13.21
CA THR C 93 -15.32 -6.58 13.24
C THR C 93 -15.77 -7.25 11.95
N TYR C 94 -16.57 -8.30 12.07
CA TYR C 94 -17.06 -9.04 10.93
C TYR C 94 -18.56 -8.81 10.77
N TYR C 95 -18.96 -8.41 9.56
CA TYR C 95 -20.36 -8.17 9.24
C TYR C 95 -20.85 -9.21 8.24
N CYS C 96 -22.06 -9.71 8.47
CA CYS C 96 -22.80 -10.38 7.41
C CYS C 96 -23.76 -9.37 6.78
N ALA C 97 -24.10 -9.61 5.53
CA ALA C 97 -25.00 -8.69 4.83
C ALA C 97 -25.82 -9.47 3.83
N LYS C 98 -27.14 -9.30 3.89
CA LYS C 98 -28.02 -9.82 2.86
C LYS C 98 -27.81 -9.03 1.58
N GLU C 99 -27.61 -9.73 0.47
CA GLU C 99 -27.41 -9.03 -0.78
C GLU C 99 -28.75 -8.58 -1.36
N GLY C 100 -28.68 -7.60 -2.26
CA GLY C 100 -29.82 -7.18 -3.04
C GLY C 100 -29.99 -8.04 -4.29
N ILE C 101 -30.78 -7.52 -5.23
CA ILE C 101 -31.08 -8.26 -6.45
C ILE C 101 -29.83 -8.41 -7.31
N ALA C 102 -29.09 -7.31 -7.48
CA ALA C 102 -27.87 -7.35 -8.26
C ALA C 102 -26.76 -8.09 -7.50
N ALA C 103 -26.04 -8.95 -8.22
CA ALA C 103 -24.94 -9.69 -7.62
C ALA C 103 -23.95 -8.75 -6.95
N ARG C 104 -23.65 -9.04 -5.68
CA ARG C 104 -22.71 -8.35 -4.80
C ARG C 104 -23.25 -7.03 -4.26
N SER C 105 -24.44 -6.59 -4.66
CA SER C 105 -25.06 -5.45 -4.00
C SER C 105 -25.36 -5.82 -2.56
N LEU C 106 -25.18 -4.87 -1.65
CA LEU C 106 -25.36 -5.09 -0.23
C LEU C 106 -26.61 -4.38 0.26
N ASP C 107 -27.56 -5.14 0.81
CA ASP C 107 -28.87 -4.62 1.19
C ASP C 107 -28.98 -4.33 2.68
N VAL C 108 -29.05 -5.36 3.51
CA VAL C 108 -29.22 -5.21 4.95
C VAL C 108 -27.98 -5.77 5.64
N TRP C 109 -27.41 -4.98 6.55
CA TRP C 109 -26.20 -5.34 7.26
C TRP C 109 -26.54 -5.89 8.64
N GLY C 110 -25.77 -6.87 9.09
CA GLY C 110 -25.76 -7.21 10.49
C GLY C 110 -25.10 -6.13 11.32
N ARG C 111 -25.23 -6.26 12.64
CA ARG C 111 -24.62 -5.30 13.55
C ARG C 111 -23.12 -5.52 13.72
N GLY C 112 -22.59 -6.64 13.26
CA GLY C 112 -21.18 -6.92 13.38
C GLY C 112 -20.85 -7.70 14.65
N VAL C 113 -19.75 -8.44 14.59
CA VAL C 113 -19.21 -9.13 15.75
C VAL C 113 -17.73 -8.77 15.88
N LEU C 114 -17.32 -8.43 17.10
CA LEU C 114 -15.91 -8.12 17.36
C LEU C 114 -15.16 -9.42 17.63
N VAL C 115 -14.11 -9.68 16.85
CA VAL C 115 -13.25 -10.84 17.04
C VAL C 115 -11.86 -10.33 17.39
N THR C 116 -11.38 -10.70 18.57
CA THR C 116 -10.04 -10.37 19.04
C THR C 116 -9.19 -11.63 19.00
N VAL C 117 -8.07 -11.57 18.29
CA VAL C 117 -7.09 -12.65 18.26
C VAL C 117 -5.81 -12.12 18.86
N SER C 118 -5.41 -12.66 19.99
CA SER C 118 -4.29 -12.13 20.76
C SER C 118 -3.60 -13.25 21.50
N SER C 119 -2.29 -13.11 21.67
CA SER C 119 -1.52 -14.03 22.50
C SER C 119 -1.52 -13.62 23.97
N ALA C 120 -2.11 -12.48 24.30
CA ALA C 120 -2.12 -12.01 25.67
C ALA C 120 -3.14 -12.80 26.50
N SER C 121 -2.74 -13.15 27.71
CA SER C 121 -3.61 -13.79 28.67
C SER C 121 -4.24 -12.76 29.60
N THR C 122 -5.36 -13.17 30.22
CA THR C 122 -6.05 -12.30 31.16
C THR C 122 -5.12 -11.88 32.29
N LYS C 123 -5.10 -10.58 32.57
CA LYS C 123 -4.16 -9.99 33.52
C LYS C 123 -4.81 -8.74 34.08
N GLY C 124 -4.88 -8.65 35.40
CA GLY C 124 -5.37 -7.46 36.04
C GLY C 124 -4.34 -6.34 35.92
N PRO C 125 -4.79 -5.10 36.03
CA PRO C 125 -3.87 -3.98 35.84
C PRO C 125 -3.06 -3.69 37.09
N SER C 126 -1.89 -3.09 36.87
CA SER C 126 -1.13 -2.44 37.91
C SER C 126 -1.48 -0.95 37.92
N VAL C 127 -1.95 -0.45 39.05
CA VAL C 127 -2.47 0.91 39.15
C VAL C 127 -1.47 1.78 39.88
N PHE C 128 -1.01 2.83 39.22
CA PHE C 128 -0.01 3.71 39.81
C PHE C 128 -0.55 5.13 39.96
N PRO C 129 -0.20 5.82 41.04
CA PRO C 129 -0.67 7.20 41.22
C PRO C 129 0.12 8.17 40.37
N LEU C 130 -0.57 9.17 39.84
CA LEU C 130 0.04 10.24 39.06
C LEU C 130 -0.08 11.54 39.84
N ALA C 131 1.06 12.14 40.15
CA ALA C 131 1.12 13.38 40.91
C ALA C 131 2.14 14.30 40.29
N PRO C 132 2.02 15.60 40.50
CA PRO C 132 3.03 16.54 40.00
C PRO C 132 4.31 16.46 40.83
N SER C 133 5.37 17.03 40.27
CA SER C 133 6.64 17.12 40.98
C SER C 133 6.53 18.05 42.17
N SER C 134 7.29 17.72 43.22
CA SER C 134 7.28 18.50 44.45
C SER C 134 7.75 19.93 44.22
N SER C 138 2.29 26.60 40.01
CA SER C 138 2.47 26.67 41.46
C SER C 138 1.15 26.86 42.19
N GLU C 139 0.76 25.80 42.91
CA GLU C 139 -0.16 25.83 44.05
C GLU C 139 -1.35 26.78 43.97
N SER C 140 -2.37 26.40 43.19
CA SER C 140 -3.74 26.86 43.45
C SER C 140 -4.70 25.73 43.09
N THR C 141 -4.38 25.00 42.03
CA THR C 141 -5.00 23.74 41.70
C THR C 141 -3.90 22.74 41.42
N ALA C 142 -4.28 21.47 41.25
CA ALA C 142 -3.30 20.45 40.91
C ALA C 142 -3.98 19.35 40.10
N ALA C 143 -3.22 18.80 39.16
CA ALA C 143 -3.68 17.68 38.34
C ALA C 143 -3.11 16.39 38.92
N LEU C 144 -3.98 15.49 39.34
CA LEU C 144 -3.57 14.19 39.84
C LEU C 144 -4.29 13.12 39.03
N GLY C 145 -3.75 11.91 39.02
CA GLY C 145 -4.36 10.88 38.24
C GLY C 145 -3.94 9.48 38.64
N CYS C 146 -4.37 8.52 37.82
CA CYS C 146 -3.97 7.12 37.99
C CYS C 146 -3.60 6.53 36.63
N LEU C 147 -2.47 5.83 36.59
CA LEU C 147 -2.08 5.03 35.43
C LEU C 147 -2.55 3.60 35.64
N VAL C 148 -3.34 3.08 34.71
CA VAL C 148 -3.90 1.74 34.79
C VAL C 148 -3.14 0.90 33.76
N LYS C 149 -2.14 0.17 34.22
CA LYS C 149 -1.07 -0.33 33.36
C LYS C 149 -1.18 -1.84 33.11
N ASP C 150 -1.04 -2.23 31.83
CA ASP C 150 -0.75 -3.61 31.42
C ASP C 150 -1.84 -4.59 31.87
N TYR C 151 -3.04 -4.41 31.31
CA TYR C 151 -4.14 -5.32 31.58
C TYR C 151 -4.66 -5.94 30.29
N PHE C 152 -5.40 -7.04 30.45
CA PHE C 152 -6.06 -7.70 29.32
C PHE C 152 -7.16 -8.59 29.87
N PRO C 153 -8.31 -8.70 29.21
CA PRO C 153 -8.74 -7.90 28.05
C PRO C 153 -9.49 -6.64 28.48
N GLU C 154 -10.01 -5.89 27.51
CA GLU C 154 -10.95 -4.84 27.82
C GLU C 154 -12.22 -5.46 28.43
N PRO C 155 -13.00 -4.68 29.20
CA PRO C 155 -12.83 -3.26 29.53
C PRO C 155 -12.39 -3.01 30.97
N VAL C 156 -12.10 -1.75 31.26
CA VAL C 156 -11.83 -1.28 32.61
C VAL C 156 -12.71 -0.06 32.84
N THR C 157 -13.25 0.06 34.05
CA THR C 157 -13.98 1.26 34.43
C THR C 157 -13.24 1.95 35.57
N VAL C 158 -13.34 3.28 35.61
CA VAL C 158 -12.62 4.09 36.59
C VAL C 158 -13.60 5.09 37.19
N SER C 159 -13.57 5.21 38.52
CA SER C 159 -14.26 6.29 39.21
C SER C 159 -13.28 6.93 40.19
N TRP C 160 -13.70 8.05 40.78
CA TRP C 160 -12.88 8.75 41.76
C TRP C 160 -13.69 8.96 43.04
N ASN C 161 -13.06 8.65 44.18
CA ASN C 161 -13.71 8.79 45.49
C ASN C 161 -15.09 8.13 45.49
N SER C 162 -15.16 6.93 44.94
CA SER C 162 -16.37 6.11 44.92
C SER C 162 -17.51 6.78 44.14
N GLY C 163 -17.17 7.64 43.19
CA GLY C 163 -18.18 8.34 42.41
C GLY C 163 -18.56 9.69 42.95
N SER C 164 -18.03 10.09 44.11
CA SER C 164 -18.29 11.40 44.67
C SER C 164 -17.52 12.52 43.97
N LEU C 165 -16.53 12.18 43.15
CA LEU C 165 -15.74 13.16 42.42
C LEU C 165 -15.89 12.88 40.92
N THR C 166 -16.56 13.78 40.22
CA THR C 166 -16.80 13.58 38.78
C THR C 166 -16.41 14.83 37.99
N SER C 167 -16.52 16.00 38.61
CA SER C 167 -16.22 17.26 37.92
C SER C 167 -14.73 17.33 37.58
N GLY C 168 -14.44 17.58 36.31
CA GLY C 168 -13.06 17.69 35.86
C GLY C 168 -12.32 16.37 35.76
N VAL C 169 -13.02 15.24 35.86
CA VAL C 169 -12.39 13.95 35.65
C VAL C 169 -12.35 13.67 34.16
N HIS C 170 -11.17 13.26 33.67
CA HIS C 170 -11.05 12.82 32.28
C HIS C 170 -10.38 11.45 32.30
N THR C 171 -11.14 10.43 31.91
CA THR C 171 -10.63 9.07 31.80
C THR C 171 -10.47 8.77 30.32
N PHE C 172 -9.25 8.41 29.94
CA PHE C 172 -8.87 8.27 28.54
C PHE C 172 -9.04 6.82 28.06
N PRO C 173 -9.46 6.65 26.81
CA PRO C 173 -9.49 5.30 26.23
C PRO C 173 -8.10 4.69 26.21
N ALA C 174 -8.06 3.37 26.31
CA ALA C 174 -6.81 2.66 26.47
C ALA C 174 -5.98 2.67 25.20
N VAL C 175 -4.67 2.60 25.38
CA VAL C 175 -3.75 2.30 24.29
C VAL C 175 -3.54 0.80 24.25
N LEU C 176 -3.43 0.25 23.04
CA LEU C 176 -3.11 -1.16 22.85
C LEU C 176 -1.62 -1.27 22.53
N GLN C 177 -0.88 -1.94 23.41
CA GLN C 177 0.57 -2.06 23.27
C GLN C 177 0.93 -3.22 22.34
N SER C 178 2.20 -3.22 21.92
CA SER C 178 2.70 -4.29 21.07
C SER C 178 2.68 -5.63 21.79
N SER C 179 2.83 -5.62 23.11
CA SER C 179 2.71 -6.84 23.91
C SER C 179 1.31 -7.43 23.83
N GLY C 180 0.32 -6.67 23.38
CA GLY C 180 -1.07 -7.09 23.44
C GLY C 180 -1.81 -6.64 24.68
N LEU C 181 -1.11 -6.05 25.65
CA LEU C 181 -1.72 -5.55 26.86
C LEU C 181 -2.20 -4.11 26.67
N TYR C 182 -3.19 -3.72 27.46
CA TYR C 182 -3.75 -2.38 27.43
C TYR C 182 -3.25 -1.54 28.59
N SER C 183 -3.24 -0.23 28.40
CA SER C 183 -3.05 0.72 29.48
C SER C 183 -3.94 1.93 29.24
N LEU C 184 -4.45 2.51 30.32
CA LEU C 184 -5.20 3.76 30.23
C LEU C 184 -4.84 4.64 31.41
N SER C 185 -5.27 5.89 31.35
CA SER C 185 -5.07 6.83 32.43
C SER C 185 -6.36 7.60 32.72
N SER C 186 -6.49 8.06 33.95
CA SER C 186 -7.56 8.96 34.36
C SER C 186 -6.93 10.09 35.15
N VAL C 187 -7.38 11.31 34.89
CA VAL C 187 -6.83 12.50 35.52
C VAL C 187 -7.98 13.38 36.02
N VAL C 188 -7.72 14.11 37.10
CA VAL C 188 -8.68 15.08 37.63
C VAL C 188 -7.91 16.28 38.17
N THR C 189 -8.48 17.47 37.98
CA THR C 189 -7.92 18.71 38.52
C THR C 189 -8.62 19.06 39.82
N VAL C 190 -7.84 19.30 40.86
CA VAL C 190 -8.39 19.53 42.20
C VAL C 190 -7.77 20.81 42.76
N PRO C 191 -8.46 21.47 43.70
CA PRO C 191 -7.86 22.64 44.35
C PRO C 191 -6.74 22.24 45.28
N SER C 192 -5.65 23.03 45.27
CA SER C 192 -4.49 22.72 46.10
C SER C 192 -4.75 22.96 47.58
N SER C 193 -5.76 23.78 47.92
CA SER C 193 -6.16 23.89 49.32
C SER C 193 -6.57 22.54 49.90
N SER C 194 -7.26 21.73 49.08
CA SER C 194 -7.69 20.41 49.53
C SER C 194 -6.53 19.43 49.66
N LEU C 195 -5.41 19.68 48.99
CA LEU C 195 -4.27 18.77 49.02
C LEU C 195 -3.66 18.70 50.42
N GLY C 196 -4.16 17.77 51.23
CA GLY C 196 -3.70 17.66 52.61
C GLY C 196 -4.85 17.39 53.55
N THR C 197 -6.04 17.83 53.17
CA THR C 197 -7.26 17.55 53.90
C THR C 197 -8.26 16.69 53.14
N GLN C 198 -8.20 16.70 51.82
CA GLN C 198 -9.05 15.86 50.99
C GLN C 198 -8.22 14.72 50.42
N THR C 199 -8.66 13.48 50.67
CA THR C 199 -8.01 12.33 50.08
C THR C 199 -8.60 12.07 48.69
N TYR C 200 -7.75 11.59 47.78
CA TYR C 200 -8.15 11.31 46.42
C TYR C 200 -7.81 9.87 46.10
N VAL C 201 -8.81 9.09 45.70
CA VAL C 201 -8.69 7.67 45.43
C VAL C 201 -9.34 7.38 44.08
N CYS C 202 -8.61 6.69 43.21
CA CYS C 202 -9.17 6.22 41.96
C CYS C 202 -9.62 4.78 42.13
N ASN C 203 -10.86 4.49 41.71
CA ASN C 203 -11.42 3.15 41.82
C ASN C 203 -11.39 2.51 40.44
N VAL C 204 -10.63 1.42 40.33
CA VAL C 204 -10.37 0.76 39.05
C VAL C 204 -10.96 -0.64 39.11
N ASN C 205 -11.93 -0.91 38.23
CA ASN C 205 -12.58 -2.21 38.18
C ASN C 205 -12.23 -2.91 36.88
N HIS C 206 -11.72 -4.14 36.99
CA HIS C 206 -11.39 -4.98 35.83
C HIS C 206 -12.11 -6.32 36.03
N LYS C 207 -13.39 -6.36 35.67
CA LYS C 207 -14.19 -7.56 35.81
C LYS C 207 -13.58 -8.81 35.16
N PRO C 208 -12.94 -8.76 33.98
CA PRO C 208 -12.42 -10.01 33.40
C PRO C 208 -11.43 -10.74 34.29
N SER C 209 -10.72 -10.04 35.17
CA SER C 209 -9.82 -10.67 36.12
C SER C 209 -10.38 -10.68 37.54
N ASN C 210 -11.63 -10.27 37.72
CA ASN C 210 -12.28 -10.22 39.04
C ASN C 210 -11.43 -9.40 40.03
N THR C 211 -10.91 -8.29 39.55
CA THR C 211 -10.00 -7.44 40.32
C THR C 211 -10.54 -6.02 40.39
N LYS C 212 -10.55 -5.44 41.59
CA LYS C 212 -10.80 -4.03 41.77
C LYS C 212 -9.70 -3.45 42.63
N VAL C 213 -9.19 -2.27 42.25
CA VAL C 213 -8.14 -1.59 42.97
C VAL C 213 -8.62 -0.19 43.34
N ASP C 214 -8.43 0.19 44.60
CA ASP C 214 -8.65 1.56 45.05
C ASP C 214 -7.30 2.14 45.42
N LYS C 215 -6.78 3.03 44.57
CA LYS C 215 -5.43 3.55 44.72
C LYS C 215 -5.50 4.98 45.25
N ARG C 216 -4.90 5.20 46.41
CA ARG C 216 -4.80 6.54 46.99
C ARG C 216 -3.70 7.32 46.28
N VAL C 217 -4.00 8.57 45.93
CA VAL C 217 -3.07 9.44 45.23
C VAL C 217 -2.67 10.56 46.16
N GLU C 218 -1.40 10.63 46.52
CA GLU C 218 -0.89 11.67 47.40
C GLU C 218 0.15 12.53 46.69
N SER D 1 -3.66 -6.79 -7.38
CA SER D 1 -5.00 -7.10 -7.86
C SER D 1 -5.72 -5.84 -8.31
N TYR D 2 -7.04 -5.86 -8.26
CA TYR D 2 -7.86 -4.71 -8.60
C TYR D 2 -8.14 -3.90 -7.33
N GLU D 3 -8.15 -2.58 -7.47
CA GLU D 3 -8.35 -1.70 -6.33
C GLU D 3 -9.22 -0.52 -6.71
N LEU D 4 -9.88 0.03 -5.71
CA LEU D 4 -10.61 1.29 -5.81
C LEU D 4 -9.92 2.32 -4.93
N THR D 5 -9.56 3.46 -5.50
CA THR D 5 -8.73 4.45 -4.84
C THR D 5 -9.56 5.69 -4.50
N GLN D 6 -9.54 6.07 -3.23
CA GLN D 6 -10.20 7.25 -2.71
C GLN D 6 -9.19 8.17 -2.02
N PRO D 7 -9.46 9.47 -1.94
CA PRO D 7 -8.67 10.34 -1.09
C PRO D 7 -8.87 10.00 0.37
N PRO D 8 -7.81 9.98 1.17
CA PRO D 8 -7.97 9.59 2.58
C PRO D 8 -8.86 10.53 3.39
N SER D 9 -8.87 11.83 3.08
CA SER D 9 -9.64 12.76 3.89
C SER D 9 -10.09 13.94 3.05
N VAL D 10 -11.28 14.43 3.36
CA VAL D 10 -11.84 15.65 2.79
C VAL D 10 -12.44 16.46 3.93
N SER D 11 -12.17 17.76 3.95
CA SER D 11 -12.74 18.65 4.94
C SER D 11 -13.66 19.65 4.26
N VAL D 12 -14.77 19.98 4.91
CA VAL D 12 -15.76 20.89 4.35
C VAL D 12 -16.38 21.70 5.48
N SER D 13 -16.71 22.97 5.19
CA SER D 13 -17.49 23.75 6.14
C SER D 13 -18.98 23.53 5.87
N PRO D 14 -19.83 23.70 6.89
CA PRO D 14 -21.27 23.51 6.68
C PRO D 14 -21.79 24.46 5.60
N GLY D 15 -22.65 23.93 4.74
CA GLY D 15 -23.18 24.66 3.62
C GLY D 15 -22.34 24.61 2.36
N GLN D 16 -21.09 24.19 2.45
CA GLN D 16 -20.25 24.05 1.26
C GLN D 16 -20.52 22.71 0.57
N THR D 17 -19.92 22.54 -0.59
CA THR D 17 -20.05 21.32 -1.39
C THR D 17 -18.79 20.48 -1.26
N ALA D 18 -18.97 19.22 -0.87
CA ALA D 18 -17.87 18.26 -0.79
C ALA D 18 -17.98 17.28 -1.95
N ARG D 19 -16.83 16.88 -2.48
CA ARG D 19 -16.75 15.88 -3.54
C ARG D 19 -15.76 14.81 -3.15
N ILE D 20 -16.21 13.55 -3.15
CA ILE D 20 -15.37 12.41 -2.82
C ILE D 20 -15.26 11.53 -4.06
N THR D 21 -14.04 11.29 -4.52
CA THR D 21 -13.82 10.53 -5.75
C THR D 21 -13.43 9.09 -5.43
N CYS D 22 -13.59 8.24 -6.44
CA CYS D 22 -13.31 6.81 -6.33
C CYS D 22 -12.87 6.33 -7.71
N SER D 23 -11.60 5.92 -7.81
CA SER D 23 -11.01 5.56 -9.10
C SER D 23 -10.86 4.05 -9.20
N GLY D 24 -11.28 3.48 -10.32
CA GLY D 24 -11.16 2.05 -10.55
C GLY D 24 -11.21 1.65 -12.01
N ASP D 25 -10.40 0.67 -12.39
CA ASP D 25 -10.28 0.27 -13.80
C ASP D 25 -11.60 -0.28 -14.36
N ALA D 26 -12.43 -0.90 -13.52
CA ALA D 26 -13.67 -1.52 -13.99
C ALA D 26 -14.89 -0.61 -13.81
N LEU D 27 -14.71 0.56 -13.20
CA LEU D 27 -15.84 1.48 -13.04
C LEU D 27 -16.49 1.93 -14.35
N PRO D 28 -15.79 2.05 -15.49
CA PRO D 28 -16.50 2.37 -16.74
C PRO D 28 -17.56 1.36 -17.10
N LYS D 29 -17.47 0.12 -16.62
CA LYS D 29 -18.45 -0.91 -16.95
C LYS D 29 -19.31 -1.36 -15.79
N LYS D 30 -18.94 -1.05 -14.55
CA LYS D 30 -19.63 -1.56 -13.37
C LYS D 30 -20.28 -0.42 -12.61
N TYR D 31 -21.32 -0.77 -11.84
CA TYR D 31 -21.98 0.19 -10.98
C TYR D 31 -21.14 0.47 -9.75
N ALA D 32 -21.15 1.73 -9.33
CA ALA D 32 -20.55 2.13 -8.07
C ALA D 32 -21.63 2.32 -7.01
N TYR D 33 -21.26 2.05 -5.77
CA TYR D 33 -22.12 2.23 -4.62
C TYR D 33 -21.35 3.04 -3.58
N TRP D 34 -22.08 3.82 -2.78
CA TRP D 34 -21.48 4.65 -1.74
C TRP D 34 -22.10 4.33 -0.40
N PHE D 35 -21.25 4.08 0.60
CA PHE D 35 -21.66 3.80 1.96
C PHE D 35 -21.11 4.86 2.91
N GLN D 36 -21.94 5.23 3.88
CA GLN D 36 -21.58 6.14 4.97
C GLN D 36 -21.43 5.32 6.24
N GLN D 37 -20.38 5.56 7.00
CA GLN D 37 -20.16 4.85 8.26
C GLN D 37 -19.78 5.83 9.36
N LYS D 38 -20.56 5.80 10.44
CA LYS D 38 -20.29 6.58 11.64
C LYS D 38 -19.78 5.66 12.74
N PRO D 39 -19.04 6.18 13.71
CA PRO D 39 -18.41 5.32 14.72
C PRO D 39 -19.42 4.44 15.43
N GLY D 40 -19.03 3.18 15.65
CA GLY D 40 -19.90 2.22 16.32
C GLY D 40 -21.20 1.92 15.61
N GLN D 41 -21.29 2.14 14.30
CA GLN D 41 -22.49 1.86 13.54
C GLN D 41 -22.15 1.06 12.29
N SER D 42 -23.16 0.36 11.78
CA SER D 42 -23.03 -0.35 10.52
C SER D 42 -23.10 0.64 9.36
N PRO D 43 -22.53 0.28 8.21
CA PRO D 43 -22.56 1.19 7.06
C PRO D 43 -23.97 1.41 6.55
N VAL D 44 -24.20 2.61 6.01
CA VAL D 44 -25.49 3.03 5.50
C VAL D 44 -25.33 3.34 4.01
N LEU D 45 -26.19 2.74 3.19
CA LEU D 45 -26.14 2.98 1.76
C LEU D 45 -26.65 4.38 1.44
N ILE D 46 -25.83 5.14 0.70
CA ILE D 46 -26.14 6.51 0.33
C ILE D 46 -26.49 6.63 -1.15
N ILE D 47 -25.74 5.94 -2.00
CA ILE D 47 -25.95 5.92 -3.45
C ILE D 47 -25.78 4.49 -3.93
N TYR D 48 -26.68 4.03 -4.80
CA TYR D 48 -26.50 2.75 -5.45
C TYR D 48 -26.64 2.92 -6.96
N GLU D 49 -26.02 1.99 -7.70
CA GLU D 49 -26.07 1.98 -9.16
C GLU D 49 -25.67 3.34 -9.73
N ASP D 50 -24.49 3.81 -9.30
CA ASP D 50 -23.84 5.06 -9.70
C ASP D 50 -24.54 6.32 -9.17
N SER D 51 -25.86 6.38 -9.27
CA SER D 51 -26.54 7.66 -9.11
C SER D 51 -27.89 7.60 -8.41
N LYS D 52 -28.37 6.42 -8.00
CA LYS D 52 -29.69 6.31 -7.39
C LYS D 52 -29.61 6.50 -5.89
N ARG D 53 -30.63 7.17 -5.33
CA ARG D 53 -30.70 7.43 -3.90
CA ARG D 53 -30.70 7.43 -3.90
C ARG D 53 -31.66 6.45 -3.24
N PRO D 54 -31.24 5.69 -2.23
CA PRO D 54 -32.20 4.87 -1.47
C PRO D 54 -33.25 5.75 -0.81
N SER D 55 -34.36 5.13 -0.44
CA SER D 55 -35.47 5.83 0.19
C SER D 55 -35.01 6.74 1.33
N GLY D 56 -35.41 8.01 1.24
CA GLY D 56 -35.20 8.94 2.32
C GLY D 56 -33.87 9.65 2.32
N ILE D 57 -32.89 9.18 1.55
CA ILE D 57 -31.57 9.82 1.60
C ILE D 57 -31.68 11.26 1.11
N PRO D 58 -31.08 12.23 1.81
CA PRO D 58 -31.28 13.63 1.43
C PRO D 58 -30.81 13.90 0.01
N GLU D 59 -31.57 14.75 -0.67
CA GLU D 59 -31.27 15.15 -2.04
C GLU D 59 -29.88 15.78 -2.18
N ARG D 60 -29.31 16.28 -1.08
CA ARG D 60 -27.99 16.90 -1.19
C ARG D 60 -26.91 15.88 -1.53
N PHE D 61 -27.18 14.59 -1.36
CA PHE D 61 -26.29 13.53 -1.80
C PHE D 61 -26.61 13.16 -3.25
N SER D 62 -25.61 13.21 -4.11
CA SER D 62 -25.78 12.74 -5.48
C SER D 62 -24.55 11.98 -5.93
N GLY D 63 -24.75 11.08 -6.88
CA GLY D 63 -23.66 10.28 -7.40
C GLY D 63 -23.58 10.41 -8.90
N SER D 64 -22.36 10.24 -9.42
CA SER D 64 -22.13 10.23 -10.86
C SER D 64 -20.90 9.39 -11.15
N SER D 65 -20.75 9.01 -12.42
CA SER D 65 -19.62 8.22 -12.85
C SER D 65 -19.18 8.65 -14.24
N SER D 66 -17.90 9.02 -14.38
CA SER D 66 -17.34 9.39 -15.67
C SER D 66 -15.97 8.76 -15.81
N GLY D 67 -15.77 8.00 -16.89
CA GLY D 67 -14.52 7.30 -17.07
C GLY D 67 -14.28 6.31 -15.95
N THR D 68 -13.07 6.32 -15.39
CA THR D 68 -12.71 5.41 -14.31
C THR D 68 -12.97 6.02 -12.93
N VAL D 69 -13.76 7.10 -12.86
CA VAL D 69 -13.94 7.83 -11.60
C VAL D 69 -15.43 7.95 -11.29
N ALA D 70 -15.84 7.39 -10.16
CA ALA D 70 -17.15 7.66 -9.58
C ALA D 70 -17.00 8.75 -8.53
N THR D 71 -17.99 9.64 -8.46
CA THR D 71 -17.91 10.77 -7.54
C THR D 71 -19.19 10.85 -6.71
N LEU D 72 -19.03 10.93 -5.39
CA LEU D 72 -20.10 11.28 -4.46
C LEU D 72 -20.02 12.77 -4.18
N THR D 73 -21.09 13.49 -4.50
CA THR D 73 -21.17 14.93 -4.28
C THR D 73 -22.16 15.22 -3.15
N ILE D 74 -21.72 16.02 -2.17
CA ILE D 74 -22.57 16.43 -1.06
C ILE D 74 -22.72 17.94 -1.16
N SER D 75 -23.84 18.39 -1.72
CA SER D 75 -24.13 19.81 -1.82
C SER D 75 -24.63 20.33 -0.48
N GLY D 76 -24.09 21.46 -0.04
CA GLY D 76 -24.53 22.04 1.22
C GLY D 76 -24.37 21.09 2.40
N ALA D 77 -23.14 20.67 2.65
CA ALA D 77 -22.85 19.67 3.68
C ALA D 77 -23.38 20.10 5.04
N GLN D 78 -23.89 19.13 5.79
CA GLN D 78 -24.37 19.35 7.14
C GLN D 78 -23.48 18.61 8.13
N VAL D 79 -23.55 19.02 9.39
CA VAL D 79 -22.72 18.41 10.43
C VAL D 79 -23.02 16.92 10.55
N GLU D 80 -24.28 16.52 10.37
CA GLU D 80 -24.63 15.11 10.43
C GLU D 80 -24.03 14.30 9.28
N ASP D 81 -23.43 14.95 8.29
CA ASP D 81 -22.76 14.25 7.20
C ASP D 81 -21.33 13.86 7.52
N GLU D 82 -20.79 14.31 8.66
CA GLU D 82 -19.46 13.88 9.07
C GLU D 82 -19.44 12.38 9.31
N ALA D 83 -18.58 11.68 8.59
CA ALA D 83 -18.53 10.21 8.59
C ALA D 83 -17.40 9.77 7.67
N ASP D 84 -17.14 8.47 7.68
CA ASP D 84 -16.31 7.85 6.66
C ASP D 84 -17.18 7.38 5.51
N TYR D 85 -16.73 7.64 4.28
CA TYR D 85 -17.44 7.25 3.08
C TYR D 85 -16.62 6.25 2.29
N TYR D 86 -17.26 5.14 1.93
CA TYR D 86 -16.62 4.07 1.17
C TYR D 86 -17.33 3.91 -0.16
N CYS D 87 -16.57 3.92 -1.26
CA CYS D 87 -17.14 3.45 -2.50
C CYS D 87 -17.01 1.93 -2.59
N TYR D 88 -17.89 1.34 -3.39
CA TYR D 88 -17.98 -0.11 -3.48
C TYR D 88 -18.42 -0.48 -4.89
N SER D 89 -17.79 -1.51 -5.43
CA SER D 89 -18.11 -1.98 -6.78
C SER D 89 -17.71 -3.45 -6.87
N THR D 90 -17.49 -3.94 -8.09
CA THR D 90 -17.05 -5.31 -8.30
C THR D 90 -15.80 -5.34 -9.17
N ASP D 91 -15.18 -6.51 -9.23
CA ASP D 91 -14.16 -6.75 -10.23
C ASP D 91 -14.79 -6.82 -11.61
N SER D 92 -13.96 -6.93 -12.64
CA SER D 92 -14.45 -6.91 -14.01
C SER D 92 -15.42 -8.07 -14.27
N SER D 93 -15.23 -9.21 -13.62
CA SER D 93 -16.15 -10.33 -13.82
C SER D 93 -17.53 -10.04 -13.23
N GLY D 94 -17.60 -9.21 -12.19
CA GLY D 94 -18.84 -8.95 -11.49
C GLY D 94 -19.15 -9.92 -10.37
N TYR D 95 -18.28 -10.88 -10.09
CA TYR D 95 -18.53 -11.90 -9.08
C TYR D 95 -17.97 -11.54 -7.71
N HIS D 96 -17.06 -10.58 -7.61
CA HIS D 96 -16.39 -10.26 -6.35
C HIS D 96 -16.61 -8.80 -6.01
N GLY D 97 -17.02 -8.54 -4.77
CA GLY D 97 -17.13 -7.18 -4.30
C GLY D 97 -15.80 -6.58 -3.92
N LEU D 98 -15.73 -5.26 -3.96
CA LEU D 98 -14.52 -4.51 -3.63
C LEU D 98 -14.89 -3.18 -3.04
N PHE D 99 -14.24 -2.80 -1.94
CA PHE D 99 -14.38 -1.49 -1.34
C PHE D 99 -13.16 -0.63 -1.67
N GLY D 100 -13.41 0.67 -1.84
CA GLY D 100 -12.35 1.64 -1.77
C GLY D 100 -11.78 1.75 -0.36
N GLY D 101 -10.67 2.46 -0.25
CA GLY D 101 -10.03 2.60 1.05
C GLY D 101 -10.76 3.50 2.02
N GLY D 102 -11.77 4.23 1.56
CA GLY D 102 -12.52 5.09 2.47
C GLY D 102 -11.99 6.51 2.50
N THR D 103 -12.92 7.44 2.71
CA THR D 103 -12.59 8.85 2.85
C THR D 103 -13.21 9.36 4.15
N ARG D 104 -12.41 9.98 5.00
CA ARG D 104 -12.93 10.59 6.21
C ARG D 104 -13.36 12.02 5.88
N LEU D 105 -14.67 12.26 5.94
CA LEU D 105 -15.21 13.59 5.69
C LEU D 105 -15.35 14.30 7.03
N THR D 106 -14.60 15.38 7.21
CA THR D 106 -14.74 16.24 8.37
C THR D 106 -15.61 17.42 8.00
N VAL D 107 -16.68 17.62 8.76
CA VAL D 107 -17.52 18.81 8.64
C VAL D 107 -17.25 19.64 9.88
N LEU D 108 -16.67 20.82 9.69
CA LEU D 108 -16.15 21.58 10.82
C LEU D 108 -17.29 21.97 11.75
N GLY D 109 -17.95 23.08 11.49
CA GLY D 109 -19.19 23.39 12.19
C GLY D 109 -19.13 23.46 13.71
N GLN D 110 -17.94 23.49 14.29
CA GLN D 110 -17.78 23.90 15.67
C GLN D 110 -16.44 24.61 15.80
N PRO D 111 -16.26 25.46 16.80
CA PRO D 111 -15.04 26.26 16.86
C PRO D 111 -13.80 25.41 17.07
N LYS D 112 -12.69 25.88 16.49
CA LYS D 112 -11.39 25.30 16.77
C LYS D 112 -11.04 25.42 18.24
N ALA D 113 -10.39 24.39 18.78
CA ALA D 113 -9.95 24.39 20.17
C ALA D 113 -8.56 23.76 20.23
N ALA D 114 -7.61 24.47 20.83
CA ALA D 114 -6.26 23.96 20.96
C ALA D 114 -6.21 22.91 22.07
N PRO D 115 -5.36 21.89 21.94
CA PRO D 115 -5.34 20.83 22.95
C PRO D 115 -4.78 21.29 24.28
N SER D 116 -5.36 20.78 25.36
CA SER D 116 -4.77 20.86 26.68
C SER D 116 -3.87 19.65 26.86
N VAL D 117 -2.64 19.88 27.31
CA VAL D 117 -1.64 18.82 27.43
C VAL D 117 -1.13 18.78 28.87
N THR D 118 -1.15 17.59 29.46
CA THR D 118 -0.59 17.35 30.78
C THR D 118 0.38 16.19 30.67
N LEU D 119 1.62 16.39 31.14
CA LEU D 119 2.65 15.37 31.09
C LEU D 119 3.01 14.96 32.50
N PHE D 120 2.82 13.67 32.81
CA PHE D 120 3.21 13.13 34.10
C PHE D 120 4.51 12.35 34.00
N PRO D 121 5.43 12.57 34.94
CA PRO D 121 6.59 11.70 35.06
C PRO D 121 6.19 10.37 35.68
N PRO D 122 7.08 9.37 35.68
CA PRO D 122 6.74 8.12 36.36
C PRO D 122 6.55 8.32 37.86
N SER D 123 5.66 7.52 38.43
CA SER D 123 5.47 7.54 39.87
C SER D 123 6.64 6.86 40.59
N SER D 124 6.84 7.25 41.84
CA SER D 124 7.88 6.60 42.64
C SER D 124 7.58 5.11 42.82
N GLU D 125 6.29 4.76 42.92
CA GLU D 125 5.92 3.35 43.07
C GLU D 125 6.32 2.54 41.83
N GLU D 126 6.08 3.07 40.64
CA GLU D 126 6.52 2.36 39.44
C GLU D 126 8.04 2.27 39.37
N LEU D 127 8.72 3.38 39.71
CA LEU D 127 10.18 3.37 39.67
C LEU D 127 10.76 2.35 40.64
N GLN D 128 10.11 2.16 41.79
CA GLN D 128 10.59 1.15 42.72
C GLN D 128 10.32 -0.27 42.21
N ALA D 129 9.52 -0.41 41.16
CA ALA D 129 9.42 -1.66 40.41
C ALA D 129 10.33 -1.66 39.19
N ASN D 130 11.28 -0.72 39.10
CA ASN D 130 12.29 -0.64 38.06
C ASN D 130 11.72 -0.32 36.68
N LYS D 131 10.55 0.29 36.62
CA LYS D 131 9.94 0.71 35.36
C LYS D 131 9.62 2.20 35.44
N ALA D 132 9.51 2.83 34.26
CA ALA D 132 9.21 4.26 34.21
C ALA D 132 8.35 4.54 32.98
N THR D 133 7.08 4.87 33.21
CA THR D 133 6.16 5.22 32.14
C THR D 133 5.83 6.70 32.23
N LEU D 134 6.19 7.45 31.19
CA LEU D 134 5.77 8.85 31.05
C LEU D 134 4.43 8.90 30.34
N VAL D 135 3.52 9.71 30.86
CA VAL D 135 2.12 9.74 30.41
C VAL D 135 1.80 11.14 29.90
N CYS D 136 1.45 11.24 28.62
CA CYS D 136 1.14 12.52 27.99
C CYS D 136 -0.34 12.51 27.61
N LEU D 137 -1.14 13.31 28.33
CA LEU D 137 -2.58 13.33 28.17
C LEU D 137 -3.01 14.58 27.42
N ILE D 138 -3.82 14.39 26.40
CA ILE D 138 -4.21 15.42 25.47
C ILE D 138 -5.73 15.51 25.33
N SER D 139 -6.26 16.67 25.69
CA SER D 139 -7.71 16.81 25.69
C SER D 139 -8.28 18.11 25.13
N ASP D 140 -9.55 18.06 24.90
CA ASP D 140 -10.31 19.23 24.47
C ASP D 140 -9.84 19.88 23.18
N PHE D 141 -9.48 19.10 22.20
CA PHE D 141 -9.06 19.64 20.96
C PHE D 141 -10.06 19.39 19.84
N TYR D 142 -10.15 20.37 18.94
CA TYR D 142 -11.01 20.28 17.77
C TYR D 142 -10.36 21.02 16.64
N PRO D 143 -10.24 20.42 15.48
CA PRO D 143 -10.70 19.11 15.03
C PRO D 143 -9.89 17.96 15.63
N GLY D 144 -10.43 16.77 15.48
CA GLY D 144 -9.84 15.61 16.10
C GLY D 144 -8.73 14.96 15.38
N ALA D 145 -7.63 15.64 15.26
CA ALA D 145 -6.44 15.06 14.72
C ALA D 145 -5.19 15.69 15.37
N VAL D 146 -4.23 14.87 15.78
CA VAL D 146 -3.00 15.36 16.35
C VAL D 146 -1.85 14.45 16.00
N GLU D 147 -0.67 14.95 16.10
CA GLU D 147 0.55 14.18 16.00
C GLU D 147 1.36 14.40 17.27
N VAL D 148 1.93 13.32 17.80
CA VAL D 148 2.66 13.37 19.06
C VAL D 148 4.07 12.88 18.84
N ALA D 149 5.05 13.62 19.35
CA ALA D 149 6.44 13.23 19.29
C ALA D 149 7.06 13.37 20.67
N TRP D 150 8.07 12.54 20.94
CA TRP D 150 8.77 12.55 22.22
C TRP D 150 10.23 12.89 22.01
N LYS D 151 10.79 13.60 22.98
CA LYS D 151 12.20 13.98 22.96
C LYS D 151 12.83 13.61 24.29
N ALA D 152 14.13 13.27 24.24
CA ALA D 152 14.95 13.08 25.42
C ALA D 152 16.23 13.86 25.21
N ASP D 153 16.49 14.83 26.10
CA ASP D 153 17.63 15.73 25.96
C ASP D 153 17.68 16.35 24.57
N GLY D 154 16.51 16.69 24.04
CA GLY D 154 16.40 17.34 22.75
C GLY D 154 16.42 16.43 21.54
N SER D 155 16.73 15.15 21.71
CA SER D 155 16.79 14.21 20.60
C SER D 155 15.50 13.41 20.50
N ALA D 156 15.13 13.06 19.27
CA ALA D 156 13.90 12.30 19.05
C ALA D 156 14.01 10.92 19.72
N VAL D 157 12.93 10.51 20.37
CA VAL D 157 12.79 9.17 20.93
C VAL D 157 11.74 8.41 20.12
N ASN D 158 12.18 7.35 19.45
CA ASN D 158 11.26 6.58 18.60
C ASN D 158 10.91 5.22 19.16
N ALA D 159 11.61 4.74 20.20
CA ALA D 159 11.29 3.44 20.75
C ALA D 159 10.53 3.64 22.05
N GLY D 160 9.66 2.67 22.37
CA GLY D 160 8.91 2.72 23.61
C GLY D 160 7.71 3.64 23.58
N VAL D 161 7.34 4.17 22.42
CA VAL D 161 6.26 5.14 22.29
C VAL D 161 5.00 4.42 21.79
N GLU D 162 3.89 4.63 22.50
CA GLU D 162 2.57 4.18 22.07
C GLU D 162 1.59 5.32 22.18
N THR D 163 0.88 5.61 21.08
CA THR D 163 -0.04 6.74 21.03
C THR D 163 -1.40 6.26 20.53
N THR D 164 -2.45 6.72 21.19
CA THR D 164 -3.80 6.37 20.77
C THR D 164 -4.23 7.23 19.58
N LYS D 165 -5.24 6.76 18.89
CA LYS D 165 -5.97 7.62 17.97
C LYS D 165 -6.89 8.55 18.77
N PRO D 166 -7.31 9.66 18.17
CA PRO D 166 -8.23 10.56 18.90
C PRO D 166 -9.59 9.92 19.11
N SER D 167 -10.20 10.26 20.24
CA SER D 167 -11.52 9.78 20.60
C SER D 167 -12.39 10.97 20.97
N LYS D 168 -13.65 10.93 20.54
CA LYS D 168 -14.55 12.02 20.83
C LYS D 168 -15.01 12.08 22.23
N GLN D 169 -14.97 13.24 22.81
CA GLN D 169 -15.41 13.50 24.16
C GLN D 169 -16.92 13.73 24.23
N SER D 170 -17.46 13.87 25.41
CA SER D 170 -18.88 14.16 25.59
C SER D 170 -19.20 15.55 25.07
N ASN D 171 -18.27 16.46 25.15
CA ASN D 171 -18.47 17.83 24.71
C ASN D 171 -18.19 18.10 23.27
N ASN D 172 -17.95 17.06 22.52
CA ASN D 172 -17.69 17.10 21.12
C ASN D 172 -16.32 17.50 20.67
N LYS D 173 -15.45 17.72 21.63
CA LYS D 173 -14.06 17.90 21.35
C LYS D 173 -13.38 16.50 21.43
N TYR D 174 -12.08 16.45 21.26
CA TYR D 174 -11.41 15.17 21.15
C TYR D 174 -10.29 15.05 22.19
N ALA D 175 -9.94 13.79 22.48
CA ALA D 175 -8.88 13.45 23.42
C ALA D 175 -7.96 12.39 22.82
N ALA D 176 -6.72 12.37 23.31
CA ALA D 176 -5.78 11.33 22.93
C ALA D 176 -4.76 11.21 24.06
N SER D 177 -3.97 10.14 24.01
CA SER D 177 -2.91 9.95 24.99
C SER D 177 -1.73 9.29 24.33
N SER D 178 -0.54 9.54 24.88
CA SER D 178 0.69 8.94 24.40
C SER D 178 1.53 8.52 25.60
N TYR D 179 2.24 7.41 25.45
CA TYR D 179 3.02 6.81 26.52
C TYR D 179 4.44 6.55 26.06
N LEU D 180 5.41 6.88 26.90
CA LEU D 180 6.80 6.52 26.67
C LEU D 180 7.20 5.55 27.77
N SER D 181 7.45 4.29 27.41
CA SER D 181 7.74 3.23 28.37
C SER D 181 9.25 2.99 28.42
N LEU D 182 9.84 3.25 29.57
CA LEU D 182 11.26 3.11 29.83
C LEU D 182 11.49 2.21 31.03
N THR D 183 12.74 1.78 31.20
CA THR D 183 13.14 1.24 32.49
C THR D 183 13.50 2.38 33.43
N SER D 184 13.56 2.07 34.73
CA SER D 184 14.02 3.04 35.69
C SER D 184 15.42 3.54 35.37
N ASP D 185 16.31 2.62 34.95
CA ASP D 185 17.67 3.02 34.63
C ASP D 185 17.70 3.98 33.44
N GLN D 186 16.85 3.72 32.44
CA GLN D 186 16.77 4.62 31.29
C GLN D 186 16.23 5.99 31.70
N TRP D 187 15.18 6.01 32.52
CA TRP D 187 14.59 7.26 32.99
C TRP D 187 15.65 8.18 33.59
N LYS D 188 16.50 7.64 34.46
CA LYS D 188 17.50 8.44 35.15
C LYS D 188 18.71 8.75 34.28
N SER D 189 18.77 8.25 33.05
CA SER D 189 19.91 8.50 32.18
C SER D 189 19.81 9.80 31.39
N HIS D 190 18.69 10.52 31.46
CA HIS D 190 18.52 11.74 30.70
C HIS D 190 18.18 12.90 31.64
N LYS D 191 18.52 14.12 31.19
CA LYS D 191 18.23 15.31 31.97
C LYS D 191 16.80 15.78 31.83
N SER D 192 16.17 15.60 30.66
CA SER D 192 14.80 16.02 30.49
C SER D 192 14.14 15.22 29.38
N TYR D 193 12.81 15.21 29.41
CA TYR D 193 11.98 14.56 28.40
C TYR D 193 10.89 15.54 27.99
N SER D 194 10.46 15.45 26.73
CA SER D 194 9.40 16.33 26.24
C SER D 194 8.35 15.53 25.47
N CYS D 195 7.09 15.88 25.69
CA CYS D 195 5.99 15.45 24.83
C CYS D 195 5.58 16.63 23.97
N GLN D 196 5.61 16.46 22.65
CA GLN D 196 5.27 17.53 21.71
C GLN D 196 3.99 17.16 20.96
N VAL D 197 2.98 18.02 21.05
CA VAL D 197 1.68 17.75 20.46
C VAL D 197 1.42 18.78 19.36
N THR D 198 1.30 18.30 18.13
CA THR D 198 1.05 19.17 16.98
C THR D 198 -0.42 19.07 16.60
N HIS D 199 -1.07 20.22 16.48
CA HIS D 199 -2.50 20.28 16.16
C HIS D 199 -2.73 21.42 15.20
N GLU D 200 -3.24 21.10 14.01
CA GLU D 200 -3.58 22.09 12.99
C GLU D 200 -2.40 23.02 12.69
N GLY D 201 -1.21 22.44 12.58
CA GLY D 201 -0.05 23.17 12.12
C GLY D 201 0.75 23.87 13.21
N SER D 202 0.31 23.81 14.46
CA SER D 202 1.02 24.42 15.58
C SER D 202 1.29 23.36 16.64
N THR D 203 2.27 23.64 17.51
CA THR D 203 2.79 22.65 18.44
C THR D 203 2.87 23.19 19.86
N VAL D 204 2.48 22.38 20.83
CA VAL D 204 2.69 22.66 22.24
C VAL D 204 3.57 21.55 22.82
N GLU D 205 4.57 21.95 23.60
CA GLU D 205 5.52 21.02 24.20
C GLU D 205 5.50 21.16 25.71
N LYS D 206 5.43 20.02 26.40
CA LYS D 206 5.53 19.94 27.85
C LYS D 206 6.77 19.14 28.20
N THR D 207 7.49 19.56 29.25
CA THR D 207 8.75 18.92 29.61
C THR D 207 8.71 18.49 31.07
N VAL D 208 9.36 17.35 31.34
CA VAL D 208 9.61 16.89 32.70
C VAL D 208 11.08 16.52 32.81
N ALA D 209 11.59 16.56 34.05
CA ALA D 209 12.98 16.25 34.31
C ALA D 209 13.08 15.32 35.51
N PRO D 210 13.92 14.29 35.44
CA PRO D 210 14.12 13.41 36.61
C PRO D 210 14.60 14.20 37.81
N ALA D 211 13.95 13.96 38.95
CA ALA D 211 14.22 14.71 40.16
C ALA D 211 14.81 13.81 41.25
#